data_8FAT
#
_entry.id   8FAT
#
_cell.length_a   64.515
_cell.length_b   115.262
_cell.length_c   120.385
_cell.angle_alpha   90.000
_cell.angle_beta   90.000
_cell.angle_gamma   90.000
#
_symmetry.space_group_name_H-M   'P 21 21 21'
#
loop_
_entity.id
_entity.type
_entity.pdbx_description
1 polymer 'Ky224 Antibody, heavy chain'
2 polymer 'Ky224 Antibody, light chain'
3 polymer 'Circumsporozoite protein NPDP peptide'
#
loop_
_entity_poly.entity_id
_entity_poly.type
_entity_poly.pdbx_seq_one_letter_code
_entity_poly.pdbx_strand_id
1 'polypeptide(L)'
;QVQLVESGGGVVQPGRSLRLSCAASGFTFSVYGMHWVRQAPGKGLEWVAVIWYDGSNKIYADSVKGRFTISRDNSKNTLY
LQMDSLSAADTAVYYCAKIGSSSFDYWGQGTLVIVSSASTKGPSVFPLAPSSKSTSGGTAALGCLVKDYFPEPVTVSWNS
GALTSGVHTFPAVLQSSGLYSLSSVVTVPSSSLGTQTYICNVNHKPSNTKVDKKVEPKSC
;
A,C
2 'polypeptide(L)'
;DIVMTQTPLSSPVTLGQPASISCRSSQSLVHSNGITYLSWLQQRPGQPPRLLLYEISNRFSGVPDRFSGSGTGTDFTLKI
SRVEAEDVGVYYCMQTTQFPITFGQGTRLEIKRTVAAPSVFIFPPSDEQLKSGTASVVCLLNNFYPREAKVQWKVDNALQ
SGNSQESVTEQDSKDSTYSLSSTLTLSKADYEKHKVYACEVTHQGLSSPVTKSFNRGEC
;
B,D
3 'polypeptide(L)' NPDPNANPNVDPNANP E,F
#
# COMPACT_ATOMS: atom_id res chain seq x y z
N GLN A 1 18.14 -31.15 5.81
CA GLN A 1 18.39 -30.37 7.02
C GLN A 1 19.21 -29.12 6.71
N VAL A 2 19.10 -28.64 5.47
CA VAL A 2 19.75 -27.41 5.05
C VAL A 2 18.91 -26.23 5.53
N GLN A 3 19.47 -25.40 6.41
CA GLN A 3 18.72 -24.36 7.10
C GLN A 3 19.49 -23.06 7.08
N LEU A 4 18.80 -21.97 6.74
CA LEU A 4 19.38 -20.62 6.73
C LEU A 4 18.63 -19.74 7.72
N VAL A 5 19.37 -19.11 8.62
CA VAL A 5 18.80 -18.33 9.71
C VAL A 5 19.37 -16.92 9.65
N GLU A 6 18.49 -15.93 9.47
CA GLU A 6 18.88 -14.53 9.38
C GLU A 6 18.63 -13.81 10.70
N SER A 7 19.30 -12.66 10.85
CA SER A 7 19.15 -11.84 12.04
C SER A 7 19.72 -10.46 11.74
N GLY A 8 19.27 -9.48 12.54
CA GLY A 8 19.78 -8.13 12.41
C GLY A 8 18.73 -7.11 11.97
N GLY A 9 17.49 -7.54 11.82
CA GLY A 9 16.46 -6.62 11.38
C GLY A 9 15.91 -5.76 12.50
N GLY A 10 15.36 -4.63 12.11
CA GLY A 10 14.77 -3.70 13.06
C GLY A 10 14.32 -2.40 12.42
N VAL A 11 14.38 -1.31 13.18
CA VAL A 11 14.03 0.01 12.67
C VAL A 11 15.28 0.87 12.67
N VAL A 12 15.36 1.77 11.69
CA VAL A 12 16.53 2.60 11.52
C VAL A 12 16.08 3.96 10.98
N GLN A 13 16.77 5.02 11.42
CA GLN A 13 16.47 6.35 10.94
C GLN A 13 17.04 6.55 9.53
N PRO A 14 16.42 7.42 8.73
CA PRO A 14 16.94 7.67 7.38
C PRO A 14 18.37 8.20 7.43
N GLY A 15 19.21 7.65 6.54
CA GLY A 15 20.61 8.01 6.48
C GLY A 15 21.52 7.12 7.31
N ARG A 16 20.99 6.40 8.29
CA ARG A 16 21.80 5.59 9.19
C ARG A 16 22.14 4.25 8.55
N SER A 17 22.55 3.27 9.36
CA SER A 17 23.06 2.01 8.86
C SER A 17 22.45 0.84 9.62
N LEU A 18 22.62 -0.35 9.06
CA LEU A 18 22.18 -1.59 9.68
C LEU A 18 22.89 -2.75 9.01
N ARG A 19 23.21 -3.78 9.79
CA ARG A 19 23.98 -4.93 9.32
C ARG A 19 23.18 -6.20 9.56
N LEU A 20 23.04 -7.02 8.52
CA LEU A 20 22.28 -8.25 8.59
C LEU A 20 23.21 -9.45 8.52
N SER A 21 22.80 -10.54 9.17
CA SER A 21 23.54 -11.79 9.22
C SER A 21 22.68 -12.92 8.67
N CYS A 22 23.33 -14.06 8.40
CA CYS A 22 22.66 -15.20 7.77
C CYS A 22 23.48 -16.45 8.08
N ALA A 23 23.01 -17.23 9.05
CA ALA A 23 23.72 -18.45 9.46
C ALA A 23 23.33 -19.61 8.56
N ALA A 24 24.34 -20.32 8.05
CA ALA A 24 24.14 -21.39 7.08
C ALA A 24 24.56 -22.72 7.69
N SER A 25 23.72 -23.74 7.50
CA SER A 25 24.02 -25.08 8.00
C SER A 25 23.47 -26.10 7.01
N GLY A 26 23.96 -27.33 7.14
CA GLY A 26 23.54 -28.42 6.29
C GLY A 26 24.33 -28.59 5.01
N PHE A 27 25.24 -27.66 4.69
CA PHE A 27 26.03 -27.75 3.48
C PHE A 27 27.37 -27.08 3.73
N THR A 28 28.30 -27.25 2.78
CA THR A 28 29.62 -26.63 2.85
C THR A 28 29.48 -25.19 2.39
N PHE A 29 29.49 -24.26 3.35
CA PHE A 29 29.29 -22.84 3.02
C PHE A 29 30.44 -22.29 2.19
N SER A 30 31.65 -22.85 2.33
CA SER A 30 32.82 -22.26 1.71
C SER A 30 32.88 -22.48 0.20
N VAL A 31 32.06 -23.37 -0.35
CA VAL A 31 32.14 -23.74 -1.76
C VAL A 31 30.93 -23.26 -2.54
N TYR A 32 30.04 -22.48 -1.93
CA TYR A 32 28.85 -22.00 -2.60
C TYR A 32 28.78 -20.48 -2.51
N GLY A 33 28.54 -19.84 -3.65
CA GLY A 33 28.23 -18.41 -3.63
C GLY A 33 26.89 -18.15 -2.99
N MET A 34 26.71 -16.91 -2.54
CA MET A 34 25.51 -16.53 -1.82
C MET A 34 24.89 -15.28 -2.44
N HIS A 35 23.59 -15.12 -2.20
CA HIS A 35 22.83 -14.00 -2.74
C HIS A 35 22.10 -13.30 -1.60
N TRP A 36 21.73 -12.04 -1.83
CA TRP A 36 20.81 -11.31 -0.98
C TRP A 36 19.63 -10.86 -1.84
N VAL A 37 18.42 -11.16 -1.37
CA VAL A 37 17.19 -10.80 -2.04
C VAL A 37 16.31 -10.07 -1.04
N ARG A 38 15.55 -9.08 -1.52
CA ARG A 38 14.64 -8.34 -0.66
C ARG A 38 13.26 -8.29 -1.29
N GLN A 39 12.26 -8.09 -0.42
CA GLN A 39 10.86 -8.05 -0.83
C GLN A 39 10.14 -6.98 -0.02
N ALA A 40 9.67 -5.94 -0.70
CA ALA A 40 8.93 -4.90 -0.01
C ALA A 40 7.56 -5.40 0.40
N PRO A 41 6.98 -4.85 1.47
CA PRO A 41 5.66 -5.33 1.94
C PRO A 41 4.58 -5.25 0.86
N GLY A 42 4.10 -6.41 0.42
CA GLY A 42 3.09 -6.49 -0.61
C GLY A 42 3.61 -6.45 -2.03
N LYS A 43 4.92 -6.31 -2.23
CA LYS A 43 5.54 -6.21 -3.54
C LYS A 43 6.26 -7.50 -3.89
N GLY A 44 7.01 -7.48 -4.99
CA GLY A 44 7.70 -8.65 -5.49
C GLY A 44 9.13 -8.77 -4.99
N LEU A 45 9.85 -9.71 -5.57
CA LEU A 45 11.22 -10.01 -5.18
C LEU A 45 12.20 -9.20 -6.02
N GLU A 46 13.25 -8.68 -5.38
CA GLU A 46 14.28 -7.91 -6.05
C GLU A 46 15.64 -8.37 -5.59
N TRP A 47 16.49 -8.75 -6.53
CA TRP A 47 17.86 -9.13 -6.25
C TRP A 47 18.65 -7.93 -5.74
N VAL A 48 19.60 -8.19 -4.83
CA VAL A 48 20.38 -7.12 -4.22
C VAL A 48 21.85 -7.31 -4.57
N ALA A 49 22.44 -8.42 -4.16
CA ALA A 49 23.88 -8.62 -4.35
C ALA A 49 24.19 -10.11 -4.35
N VAL A 50 25.36 -10.43 -4.90
CA VAL A 50 25.91 -11.77 -4.91
C VAL A 50 27.37 -11.70 -4.49
N ILE A 51 27.83 -12.76 -3.83
CA ILE A 51 29.23 -12.87 -3.41
C ILE A 51 29.75 -14.24 -3.83
N TRP A 52 31.02 -14.27 -4.25
CA TRP A 52 31.65 -15.52 -4.62
C TRP A 52 31.87 -16.40 -3.39
N TYR A 53 32.23 -17.66 -3.64
CA TYR A 53 32.42 -18.62 -2.55
C TYR A 53 33.52 -18.17 -1.60
N ASP A 54 34.52 -17.44 -2.09
CA ASP A 54 35.63 -16.96 -1.27
C ASP A 54 35.64 -15.45 -1.11
N GLY A 55 34.58 -14.76 -1.57
CA GLY A 55 34.58 -13.32 -1.51
C GLY A 55 35.52 -12.64 -2.48
N SER A 56 36.01 -13.36 -3.49
CA SER A 56 36.96 -12.79 -4.43
C SER A 56 36.30 -11.76 -5.35
N ASN A 57 35.04 -11.97 -5.70
CA ASN A 57 34.32 -11.06 -6.58
C ASN A 57 32.92 -10.82 -6.02
N LYS A 58 32.38 -9.63 -6.29
CA LYS A 58 31.10 -9.24 -5.74
C LYS A 58 30.36 -8.37 -6.77
N ILE A 59 29.07 -8.66 -6.95
CA ILE A 59 28.22 -7.92 -7.88
C ILE A 59 27.02 -7.38 -7.12
N TYR A 60 26.65 -6.13 -7.40
CA TYR A 60 25.55 -5.46 -6.73
C TYR A 60 24.51 -4.99 -7.73
N ALA A 61 23.27 -4.87 -7.26
CA ALA A 61 22.23 -4.26 -8.06
C ALA A 61 22.46 -2.76 -8.17
N ASP A 62 22.04 -2.18 -9.30
CA ASP A 62 22.31 -0.77 -9.55
C ASP A 62 21.65 0.13 -8.52
N SER A 63 20.55 -0.32 -7.93
CA SER A 63 19.85 0.53 -6.95
C SER A 63 20.56 0.58 -5.61
N VAL A 64 21.49 -0.35 -5.35
CA VAL A 64 22.22 -0.39 -4.09
C VAL A 64 23.71 -0.22 -4.25
N LYS A 65 24.21 -0.03 -5.47
CA LYS A 65 25.63 0.21 -5.68
C LYS A 65 26.07 1.47 -4.94
N GLY A 66 27.16 1.37 -4.20
CA GLY A 66 27.68 2.48 -3.45
C GLY A 66 27.13 2.64 -2.05
N ARG A 67 26.15 1.84 -1.66
CA ARG A 67 25.57 1.93 -0.33
C ARG A 67 25.57 0.59 0.40
N PHE A 68 25.28 -0.51 -0.29
CA PHE A 68 25.27 -1.83 0.31
C PHE A 68 26.60 -2.54 0.05
N THR A 69 27.02 -3.35 1.01
CA THR A 69 28.25 -4.13 0.88
C THR A 69 27.98 -5.54 1.36
N ILE A 70 28.24 -6.52 0.51
CA ILE A 70 28.05 -7.93 0.84
C ILE A 70 29.38 -8.51 1.28
N SER A 71 29.35 -9.39 2.28
CA SER A 71 30.56 -9.99 2.81
C SER A 71 30.20 -11.34 3.42
N ARG A 72 31.24 -12.10 3.77
CA ARG A 72 31.03 -13.43 4.34
C ARG A 72 32.20 -13.78 5.23
N ASP A 73 31.95 -14.66 6.20
CA ASP A 73 32.95 -15.18 7.11
C ASP A 73 32.81 -16.70 7.10
N ASN A 74 33.61 -17.36 6.26
CA ASN A 74 33.50 -18.81 6.12
C ASN A 74 33.87 -19.55 7.40
N SER A 75 34.68 -18.93 8.27
CA SER A 75 34.97 -19.55 9.56
C SER A 75 33.76 -19.60 10.47
N LYS A 76 32.72 -18.80 10.19
CA LYS A 76 31.49 -18.81 10.95
C LYS A 76 30.29 -19.33 10.15
N ASN A 77 30.47 -19.64 8.86
CA ASN A 77 29.36 -20.02 7.98
C ASN A 77 28.26 -18.95 7.98
N THR A 78 28.67 -17.68 7.95
CA THR A 78 27.74 -16.57 8.07
C THR A 78 27.91 -15.61 6.90
N LEU A 79 26.78 -15.17 6.35
CA LEU A 79 26.75 -14.18 5.29
C LEU A 79 26.26 -12.85 5.85
N TYR A 80 26.90 -11.76 5.44
CA TYR A 80 26.62 -10.44 5.98
C TYR A 80 26.22 -9.47 4.88
N LEU A 81 25.55 -8.39 5.29
CA LEU A 81 25.18 -7.31 4.37
C LEU A 81 25.12 -6.01 5.15
N GLN A 82 26.06 -5.12 4.88
CA GLN A 82 26.10 -3.81 5.51
C GLN A 82 25.33 -2.81 4.66
N MET A 83 24.34 -2.17 5.25
CA MET A 83 23.48 -1.23 4.54
C MET A 83 23.72 0.17 5.09
N ASP A 84 24.41 1.01 4.33
CA ASP A 84 24.65 2.39 4.69
C ASP A 84 23.77 3.30 3.85
N SER A 85 23.55 4.52 4.36
CA SER A 85 22.73 5.53 3.67
C SER A 85 21.35 4.97 3.32
N LEU A 86 20.68 4.41 4.33
CA LEU A 86 19.40 3.75 4.11
C LEU A 86 18.31 4.78 3.79
N SER A 87 17.33 4.33 3.01
CA SER A 87 16.21 5.15 2.58
C SER A 87 14.91 4.41 2.86
N ALA A 88 13.81 5.16 2.87
CA ALA A 88 12.50 4.52 3.00
C ALA A 88 12.22 3.56 1.87
N ALA A 89 12.88 3.72 0.73
CA ALA A 89 12.75 2.77 -0.37
C ALA A 89 13.42 1.44 -0.07
N ASP A 90 14.30 1.40 0.92
CA ASP A 90 14.99 0.17 1.30
C ASP A 90 14.22 -0.65 2.33
N THR A 91 13.02 -0.20 2.72
CA THR A 91 12.18 -0.94 3.65
C THR A 91 11.66 -2.20 2.97
N ALA A 92 12.07 -3.36 3.47
CA ALA A 92 11.69 -4.63 2.86
C ALA A 92 12.09 -5.78 3.79
N VAL A 93 11.61 -6.97 3.46
CA VAL A 93 12.07 -8.20 4.09
C VAL A 93 13.24 -8.73 3.28
N TYR A 94 14.38 -8.91 3.93
CA TYR A 94 15.61 -9.30 3.25
C TYR A 94 15.89 -10.79 3.44
N TYR A 95 16.17 -11.47 2.33
CA TYR A 95 16.48 -12.89 2.33
C TYR A 95 17.92 -13.10 1.85
N CYS A 96 18.60 -14.05 2.48
CA CYS A 96 19.81 -14.62 1.89
C CYS A 96 19.43 -15.90 1.16
N ALA A 97 20.18 -16.21 0.10
CA ALA A 97 19.86 -17.35 -0.72
C ALA A 97 21.13 -18.10 -1.10
N LYS A 98 21.08 -19.42 -1.02
CA LYS A 98 22.20 -20.26 -1.43
C LYS A 98 22.07 -20.61 -2.90
N ILE A 99 23.20 -20.68 -3.59
CA ILE A 99 23.24 -21.14 -4.97
C ILE A 99 23.17 -22.67 -4.97
N GLY A 100 22.38 -23.21 -5.88
CA GLY A 100 22.25 -24.65 -6.00
C GLY A 100 21.18 -25.05 -6.99
N SER A 101 21.40 -26.16 -7.70
CA SER A 101 20.44 -26.68 -8.68
C SER A 101 20.13 -25.65 -9.76
N SER A 102 21.16 -24.90 -10.17
CA SER A 102 21.03 -23.86 -11.19
C SER A 102 19.90 -22.89 -10.86
N SER A 103 19.85 -22.47 -9.60
CA SER A 103 18.81 -21.57 -9.10
C SER A 103 19.21 -21.14 -7.69
N PHE A 104 18.27 -20.51 -6.98
CA PHE A 104 18.43 -20.22 -5.54
C PHE A 104 17.71 -21.33 -4.80
N ASP A 105 18.43 -22.39 -4.45
CA ASP A 105 17.78 -23.61 -3.98
C ASP A 105 17.26 -23.50 -2.55
N TYR A 106 17.91 -22.71 -1.70
CA TYR A 106 17.48 -22.60 -0.29
C TYR A 106 17.53 -21.16 0.17
N TRP A 107 16.53 -20.77 0.95
CA TRP A 107 16.35 -19.41 1.41
C TRP A 107 16.28 -19.37 2.94
N GLY A 108 16.63 -18.20 3.49
CA GLY A 108 16.39 -17.94 4.90
C GLY A 108 14.94 -17.60 5.16
N GLN A 109 14.61 -17.42 6.44
CA GLN A 109 13.23 -17.13 6.81
C GLN A 109 12.84 -15.69 6.55
N GLY A 110 13.80 -14.79 6.39
CA GLY A 110 13.52 -13.39 6.14
C GLY A 110 13.56 -12.54 7.37
N THR A 111 14.15 -11.35 7.26
CA THR A 111 14.20 -10.38 8.35
C THR A 111 13.77 -9.02 7.83
N LEU A 112 13.05 -8.29 8.66
CA LEU A 112 12.41 -7.04 8.25
C LEU A 112 13.23 -5.85 8.67
N VAL A 113 13.54 -4.98 7.72
CA VAL A 113 14.23 -3.72 7.95
C VAL A 113 13.28 -2.58 7.58
N ILE A 114 13.00 -1.70 8.54
CA ILE A 114 12.10 -0.58 8.34
C ILE A 114 12.91 0.71 8.51
N VAL A 115 12.72 1.65 7.60
CA VAL A 115 13.34 2.97 7.67
C VAL A 115 12.22 3.96 7.92
N SER A 116 12.24 4.61 9.09
CA SER A 116 11.17 5.52 9.46
C SER A 116 11.71 6.58 10.40
N SER A 117 11.15 7.78 10.29
CA SER A 117 11.50 8.89 11.17
C SER A 117 10.58 8.99 12.38
N ALA A 118 9.78 7.96 12.65
CA ALA A 118 8.86 7.97 13.77
C ALA A 118 9.50 7.35 15.00
N SER A 119 8.99 7.75 16.17
CA SER A 119 9.50 7.22 17.41
C SER A 119 9.12 5.75 17.58
N THR A 120 9.95 5.02 18.33
CA THR A 120 9.70 3.63 18.62
C THR A 120 8.83 3.54 19.87
N LYS A 121 7.71 2.82 19.76
CA LYS A 121 6.76 2.66 20.86
C LYS A 121 6.55 1.18 21.13
N GLY A 122 6.72 0.77 22.39
CA GLY A 122 6.49 -0.60 22.78
C GLY A 122 5.00 -0.91 22.90
N PRO A 123 4.65 -2.18 22.70
CA PRO A 123 3.25 -2.58 22.75
C PRO A 123 2.76 -2.82 24.18
N SER A 124 1.46 -3.06 24.28
CA SER A 124 0.81 -3.40 25.55
C SER A 124 -0.09 -4.59 25.30
N VAL A 125 0.20 -5.70 25.98
CA VAL A 125 -0.49 -6.96 25.74
C VAL A 125 -1.72 -7.04 26.63
N PHE A 126 -2.88 -7.31 26.02
CA PHE A 126 -4.14 -7.45 26.73
C PHE A 126 -4.76 -8.80 26.44
N PRO A 127 -5.36 -9.45 27.45
CA PRO A 127 -5.90 -10.79 27.22
C PRO A 127 -7.30 -10.77 26.64
N LEU A 128 -7.58 -11.78 25.82
CA LEU A 128 -8.90 -12.02 25.25
C LEU A 128 -9.39 -13.35 25.82
N ALA A 129 -10.18 -13.29 26.89
CA ALA A 129 -10.54 -14.48 27.64
C ALA A 129 -11.70 -15.20 26.98
N PRO A 130 -11.72 -16.54 27.02
CA PRO A 130 -12.86 -17.30 26.50
C PRO A 130 -14.01 -17.28 27.48
N SER A 131 -15.19 -16.85 27.00
CA SER A 131 -16.36 -16.75 27.86
C SER A 131 -17.61 -17.27 27.16
N SER A 132 -17.87 -16.77 25.96
CA SER A 132 -19.06 -17.17 25.20
C SER A 132 -18.99 -18.60 24.70
N LYS A 133 -17.83 -19.25 24.78
CA LYS A 133 -17.64 -20.63 24.35
C LYS A 133 -17.96 -20.80 22.86
N GLY A 137 -18.98 -26.55 18.83
CA GLY A 137 -19.47 -26.29 20.17
C GLY A 137 -18.42 -26.53 21.24
N GLY A 138 -17.82 -27.72 21.21
CA GLY A 138 -16.80 -28.07 22.17
C GLY A 138 -15.43 -27.52 21.79
N THR A 139 -15.41 -26.34 21.17
CA THR A 139 -14.16 -25.69 20.76
C THR A 139 -14.27 -24.21 21.13
N ALA A 140 -13.54 -23.81 22.16
CA ALA A 140 -13.55 -22.42 22.60
C ALA A 140 -12.40 -21.64 21.98
N ALA A 141 -12.53 -20.32 21.99
CA ALA A 141 -11.55 -19.43 21.38
C ALA A 141 -11.03 -18.44 22.41
N LEU A 142 -9.73 -18.17 22.35
CA LEU A 142 -9.08 -17.19 23.22
C LEU A 142 -7.93 -16.56 22.44
N GLY A 143 -7.41 -15.46 22.96
CA GLY A 143 -6.34 -14.78 22.25
C GLY A 143 -5.71 -13.68 23.08
N CYS A 144 -4.85 -12.92 22.40
CA CYS A 144 -4.13 -11.79 22.99
C CYS A 144 -4.23 -10.57 22.09
N LEU A 145 -4.14 -9.39 22.70
CA LEU A 145 -4.23 -8.13 22.00
C LEU A 145 -2.92 -7.38 22.14
N VAL A 146 -2.19 -7.25 21.05
CA VAL A 146 -0.98 -6.43 20.99
C VAL A 146 -1.38 -5.08 20.43
N LYS A 147 -1.41 -4.05 21.28
CA LYS A 147 -1.98 -2.77 20.91
C LYS A 147 -0.99 -1.65 21.11
N ASP A 148 -1.07 -0.65 20.22
CA ASP A 148 -0.34 0.62 20.32
C ASP A 148 1.17 0.40 20.32
N TYR A 149 1.67 -0.06 19.17
CA TYR A 149 3.10 -0.28 19.00
C TYR A 149 3.54 0.23 17.64
N PHE A 150 4.84 0.48 17.52
CA PHE A 150 5.45 0.97 16.29
C PHE A 150 6.95 0.77 16.43
N PRO A 151 7.64 0.28 15.38
CA PRO A 151 7.02 -0.13 14.12
C PRO A 151 6.79 -1.64 14.04
N GLU A 152 6.55 -2.12 12.83
CA GLU A 152 6.49 -3.56 12.59
C GLU A 152 7.85 -4.20 12.88
N PRO A 153 7.87 -5.49 13.20
CA PRO A 153 6.72 -6.33 13.52
C PRO A 153 6.71 -6.74 14.98
N VAL A 154 5.81 -7.66 15.34
CA VAL A 154 5.81 -8.28 16.67
C VAL A 154 5.73 -9.79 16.48
N THR A 155 6.45 -10.52 17.32
CA THR A 155 6.48 -11.97 17.28
C THR A 155 5.53 -12.50 18.35
N VAL A 156 4.45 -13.13 17.91
CA VAL A 156 3.44 -13.67 18.81
C VAL A 156 3.45 -15.18 18.68
N SER A 157 3.79 -15.87 19.77
CA SER A 157 3.75 -17.32 19.85
C SER A 157 2.90 -17.73 21.04
N TRP A 158 2.45 -18.99 21.01
CA TRP A 158 1.57 -19.52 22.05
C TRP A 158 2.28 -20.67 22.77
N ASN A 159 2.27 -20.61 24.10
CA ASN A 159 2.89 -21.63 24.95
C ASN A 159 4.36 -21.82 24.60
N SER A 160 5.06 -20.70 24.40
CA SER A 160 6.49 -20.70 24.05
C SER A 160 6.76 -21.51 22.78
N GLY A 161 5.79 -21.55 21.87
CA GLY A 161 5.92 -22.26 20.61
C GLY A 161 5.35 -23.66 20.60
N ALA A 162 4.81 -24.13 21.72
CA ALA A 162 4.26 -25.48 21.76
C ALA A 162 2.88 -25.57 21.10
N LEU A 163 2.08 -24.52 21.22
CA LEU A 163 0.75 -24.49 20.61
C LEU A 163 0.86 -23.82 19.24
N THR A 164 0.64 -24.59 18.18
CA THR A 164 0.75 -24.11 16.82
C THR A 164 -0.53 -24.25 16.01
N SER A 165 -1.27 -25.33 16.20
CA SER A 165 -2.48 -25.57 15.42
C SER A 165 -3.60 -24.66 15.90
N GLY A 166 -4.47 -24.28 14.96
CA GLY A 166 -5.60 -23.43 15.28
C GLY A 166 -5.27 -21.98 15.54
N VAL A 167 -4.02 -21.57 15.36
CA VAL A 167 -3.61 -20.19 15.62
C VAL A 167 -3.83 -19.37 14.36
N HIS A 168 -4.38 -18.16 14.53
CA HIS A 168 -4.58 -17.19 13.45
C HIS A 168 -4.10 -15.84 13.95
N THR A 169 -2.83 -15.51 13.67
CA THR A 169 -2.29 -14.21 14.01
C THR A 169 -2.69 -13.22 12.93
N PHE A 170 -3.57 -12.28 13.27
CA PHE A 170 -4.12 -11.38 12.26
C PHE A 170 -3.09 -10.32 11.88
N PRO A 171 -3.11 -9.87 10.62
CA PRO A 171 -2.21 -8.79 10.20
C PRO A 171 -2.45 -7.52 11.00
N ALA A 172 -1.38 -6.77 11.21
CA ALA A 172 -1.47 -5.52 11.94
C ALA A 172 -2.27 -4.48 11.16
N VAL A 173 -2.92 -3.59 11.90
CA VAL A 173 -3.71 -2.51 11.32
C VAL A 173 -3.18 -1.19 11.85
N LEU A 174 -2.89 -0.26 10.95
CA LEU A 174 -2.39 1.06 11.33
C LEU A 174 -3.55 1.88 11.86
N GLN A 175 -3.52 2.17 13.17
CA GLN A 175 -4.58 2.95 13.79
C GLN A 175 -4.50 4.42 13.35
N SER A 176 -5.48 5.20 13.77
CA SER A 176 -5.49 6.63 13.47
C SER A 176 -4.38 7.38 14.20
N SER A 177 -3.78 6.77 15.22
CA SER A 177 -2.70 7.38 15.96
C SER A 177 -1.32 7.02 15.41
N GLY A 178 -1.26 6.48 14.21
CA GLY A 178 0.02 6.08 13.65
C GLY A 178 0.67 4.90 14.34
N LEU A 179 -0.10 4.12 15.09
CA LEU A 179 0.40 2.96 15.80
C LEU A 179 -0.32 1.70 15.33
N TYR A 180 0.39 0.58 15.37
CA TYR A 180 -0.19 -0.69 14.93
C TYR A 180 -0.86 -1.40 16.09
N SER A 181 -1.77 -2.32 15.73
CA SER A 181 -2.48 -3.14 16.72
C SER A 181 -3.02 -4.36 16.01
N LEU A 182 -2.55 -5.54 16.39
CA LEU A 182 -3.06 -6.80 15.84
C LEU A 182 -3.67 -7.64 16.95
N SER A 183 -4.20 -8.79 16.56
CA SER A 183 -4.79 -9.74 17.50
C SER A 183 -4.41 -11.15 17.05
N SER A 184 -4.06 -11.99 18.03
CA SER A 184 -3.67 -13.37 17.78
C SER A 184 -4.56 -14.28 18.62
N VAL A 185 -5.42 -15.04 17.94
CA VAL A 185 -6.36 -15.93 18.61
C VAL A 185 -5.99 -17.37 18.28
N VAL A 186 -6.56 -18.29 19.06
CA VAL A 186 -6.34 -19.72 18.87
C VAL A 186 -7.56 -20.46 19.38
N THR A 187 -8.07 -21.38 18.57
CA THR A 187 -9.20 -22.21 18.96
C THR A 187 -8.68 -23.50 19.59
N VAL A 188 -9.16 -23.79 20.79
CA VAL A 188 -8.73 -24.97 21.54
C VAL A 188 -9.96 -25.75 21.97
N PRO A 189 -9.82 -27.05 22.20
CA PRO A 189 -10.94 -27.84 22.73
C PRO A 189 -11.42 -27.28 24.05
N SER A 190 -12.76 -27.25 24.22
CA SER A 190 -13.35 -26.68 25.42
C SER A 190 -13.01 -27.46 26.67
N SER A 191 -12.65 -28.74 26.54
CA SER A 191 -12.29 -29.55 27.70
C SER A 191 -10.92 -29.19 28.28
N SER A 192 -10.19 -28.27 27.64
CA SER A 192 -8.85 -27.89 28.09
C SER A 192 -8.75 -26.44 28.51
N LEU A 193 -9.88 -25.76 28.72
CA LEU A 193 -9.83 -24.36 29.14
C LEU A 193 -9.28 -24.19 30.55
N GLY A 194 -9.30 -25.24 31.37
CA GLY A 194 -8.77 -25.15 32.72
C GLY A 194 -7.68 -26.17 32.99
N THR A 195 -7.70 -27.28 32.26
CA THR A 195 -6.68 -28.30 32.43
C THR A 195 -5.35 -27.87 31.80
N GLN A 196 -5.42 -27.16 30.67
CA GLN A 196 -4.24 -26.71 29.96
C GLN A 196 -4.07 -25.20 30.13
N THR A 197 -2.84 -24.78 30.39
CA THR A 197 -2.52 -23.37 30.54
C THR A 197 -2.13 -22.78 29.19
N TYR A 198 -2.68 -21.62 28.86
CA TYR A 198 -2.43 -20.95 27.60
C TYR A 198 -1.76 -19.60 27.86
N ILE A 199 -0.55 -19.43 27.33
CA ILE A 199 0.20 -18.19 27.46
C ILE A 199 0.60 -17.72 26.08
N CYS A 200 0.44 -16.42 25.83
CA CYS A 200 0.89 -15.81 24.59
C CYS A 200 2.21 -15.08 24.84
N ASN A 201 3.18 -15.29 23.95
CA ASN A 201 4.50 -14.71 24.09
C ASN A 201 4.66 -13.62 23.02
N VAL A 202 4.80 -12.37 23.47
CA VAL A 202 4.92 -11.23 22.59
C VAL A 202 6.34 -10.69 22.70
N ASN A 203 6.93 -10.38 21.55
CA ASN A 203 8.29 -9.82 21.50
C ASN A 203 8.33 -8.76 20.42
N HIS A 204 8.51 -7.50 20.82
CA HIS A 204 8.68 -6.39 19.89
C HIS A 204 10.17 -6.05 19.87
N LYS A 205 10.85 -6.45 18.80
CA LYS A 205 12.30 -6.26 18.71
C LYS A 205 12.72 -4.80 18.75
N PRO A 206 12.10 -3.87 18.00
CA PRO A 206 12.61 -2.49 17.99
C PRO A 206 12.54 -1.77 19.33
N SER A 207 11.71 -2.24 20.27
CA SER A 207 11.60 -1.59 21.57
C SER A 207 12.13 -2.46 22.70
N ASN A 208 12.55 -3.69 22.41
CA ASN A 208 13.11 -4.62 23.40
C ASN A 208 12.13 -4.84 24.55
N THR A 209 10.95 -5.35 24.20
CA THR A 209 9.89 -5.65 25.16
C THR A 209 9.40 -7.08 24.93
N LYS A 210 9.67 -7.96 25.88
CA LYS A 210 9.22 -9.34 25.84
C LYS A 210 8.18 -9.54 26.94
N VAL A 211 6.95 -9.84 26.54
CA VAL A 211 5.83 -9.96 27.47
C VAL A 211 5.20 -11.33 27.30
N ASP A 212 5.12 -12.08 28.40
CA ASP A 212 4.43 -13.37 28.45
C ASP A 212 3.22 -13.22 29.36
N LYS A 213 2.03 -13.26 28.76
CA LYS A 213 0.79 -13.03 29.48
C LYS A 213 -0.09 -14.28 29.42
N LYS A 214 -0.61 -14.68 30.57
CA LYS A 214 -1.49 -15.84 30.67
C LYS A 214 -2.93 -15.42 30.40
N VAL A 215 -3.61 -16.18 29.54
CA VAL A 215 -4.98 -15.90 29.16
C VAL A 215 -5.87 -16.89 29.92
N GLU A 216 -6.42 -16.43 31.05
CA GLU A 216 -7.26 -17.27 31.87
C GLU A 216 -8.71 -17.25 31.37
N PRO A 217 -9.48 -18.31 31.61
CA PRO A 217 -10.88 -18.32 31.20
C PRO A 217 -11.70 -17.30 31.99
N LYS A 218 -12.94 -17.10 31.53
CA LYS A 218 -13.81 -16.06 32.09
C LYS A 218 -15.23 -16.64 32.20
N SER A 219 -15.52 -17.25 33.35
CA SER A 219 -16.87 -17.77 33.60
C SER A 219 -17.87 -16.63 33.72
N ASP B 1 19.22 -5.43 -18.48
CA ASP B 1 18.40 -6.30 -17.63
C ASP B 1 17.37 -7.07 -18.46
N ILE B 2 17.18 -8.34 -18.13
CA ILE B 2 16.16 -9.15 -18.78
C ILE B 2 14.84 -8.96 -18.02
N VAL B 3 13.80 -8.58 -18.74
CA VAL B 3 12.52 -8.24 -18.14
C VAL B 3 11.65 -9.50 -18.08
N MET B 4 11.19 -9.84 -16.89
CA MET B 4 10.32 -10.99 -16.67
C MET B 4 8.89 -10.50 -16.53
N THR B 5 8.01 -10.99 -17.40
CA THR B 5 6.60 -10.61 -17.38
C THR B 5 5.77 -11.85 -17.04
N GLN B 6 5.08 -11.80 -15.91
CA GLN B 6 4.23 -12.88 -15.46
C GLN B 6 2.76 -12.51 -15.64
N THR B 7 1.96 -13.47 -16.10
CA THR B 7 0.55 -13.24 -16.36
C THR B 7 -0.27 -14.45 -15.92
N PRO B 8 -1.40 -14.24 -15.24
CA PRO B 8 -1.87 -12.92 -14.81
C PRO B 8 -1.34 -12.56 -13.42
N LEU B 9 -1.97 -11.57 -12.78
CA LEU B 9 -1.62 -11.22 -11.41
C LEU B 9 -2.35 -12.07 -10.39
N SER B 10 -3.55 -12.56 -10.72
CA SER B 10 -4.35 -13.38 -9.83
C SER B 10 -5.06 -14.45 -10.63
N SER B 11 -5.11 -15.66 -10.07
CA SER B 11 -5.73 -16.81 -10.73
C SER B 11 -6.67 -17.50 -9.75
N PRO B 12 -8.00 -17.35 -9.91
CA PRO B 12 -8.92 -18.10 -9.04
C PRO B 12 -9.21 -19.48 -9.61
N VAL B 13 -8.64 -20.53 -9.01
CA VAL B 13 -8.76 -21.89 -9.49
C VAL B 13 -9.46 -22.73 -8.44
N THR B 14 -10.34 -23.63 -8.88
CA THR B 14 -11.09 -24.48 -7.98
C THR B 14 -10.21 -25.61 -7.46
N LEU B 15 -10.53 -26.09 -6.25
CA LEU B 15 -9.77 -27.17 -5.65
C LEU B 15 -9.82 -28.43 -6.51
N GLY B 16 -8.66 -29.03 -6.74
CA GLY B 16 -8.54 -30.21 -7.56
C GLY B 16 -8.45 -29.96 -9.05
N GLN B 17 -8.75 -28.75 -9.51
CA GLN B 17 -8.67 -28.42 -10.93
C GLN B 17 -7.23 -28.06 -11.31
N PRO B 18 -6.88 -28.23 -12.58
CA PRO B 18 -5.53 -27.86 -13.02
C PRO B 18 -5.37 -26.34 -13.12
N ALA B 19 -4.13 -25.90 -12.96
CA ALA B 19 -3.79 -24.48 -13.05
C ALA B 19 -2.49 -24.33 -13.82
N SER B 20 -2.33 -23.18 -14.47
CA SER B 20 -1.13 -22.90 -15.25
C SER B 20 -0.77 -21.43 -15.13
N ILE B 21 0.53 -21.16 -15.00
CA ILE B 21 1.07 -19.81 -14.83
C ILE B 21 2.09 -19.56 -15.93
N SER B 22 1.94 -18.44 -16.63
CA SER B 22 2.83 -18.09 -17.74
C SER B 22 3.88 -17.08 -17.30
N CYS B 23 5.06 -17.18 -17.92
CA CYS B 23 6.17 -16.27 -17.67
C CYS B 23 6.86 -15.99 -18.99
N ARG B 24 7.12 -14.72 -19.27
CA ARG B 24 7.74 -14.31 -20.52
C ARG B 24 8.96 -13.45 -20.22
N SER B 25 10.04 -13.67 -20.98
CA SER B 25 11.28 -12.95 -20.82
C SER B 25 11.52 -12.03 -22.01
N SER B 26 12.22 -10.92 -21.75
CA SER B 26 12.52 -9.97 -22.81
C SER B 26 13.57 -10.50 -23.79
N GLN B 27 14.39 -11.45 -23.36
CA GLN B 27 15.39 -12.09 -24.21
C GLN B 27 15.32 -13.59 -24.00
N SER B 28 16.07 -14.32 -24.84
CA SER B 28 16.19 -15.75 -24.65
C SER B 28 16.96 -16.04 -23.36
N LEU B 29 16.44 -16.99 -22.57
CA LEU B 29 17.11 -17.41 -21.34
C LEU B 29 18.02 -18.62 -21.56
N VAL B 30 18.30 -18.96 -22.81
CA VAL B 30 19.23 -20.05 -23.11
C VAL B 30 20.64 -19.51 -23.03
N HIS B 31 21.45 -20.06 -22.12
CA HIS B 31 22.80 -19.58 -21.90
C HIS B 31 23.70 -19.99 -23.06
N SER B 32 24.97 -19.58 -22.98
CA SER B 32 25.96 -19.95 -24.00
C SER B 32 26.26 -21.44 -23.98
N ASN B 33 26.04 -22.12 -22.85
CA ASN B 33 26.24 -23.55 -22.75
C ASN B 33 25.00 -24.34 -23.14
N GLY B 34 23.97 -23.67 -23.66
CA GLY B 34 22.79 -24.36 -24.14
C GLY B 34 21.84 -24.83 -23.05
N ILE B 35 21.85 -24.17 -21.89
CA ILE B 35 20.96 -24.52 -20.78
C ILE B 35 20.09 -23.32 -20.47
N THR B 36 18.79 -23.55 -20.35
CA THR B 36 17.83 -22.49 -20.05
C THR B 36 17.75 -22.34 -18.53
N TYR B 37 18.22 -21.21 -18.02
CA TYR B 37 18.31 -20.98 -16.58
C TYR B 37 17.08 -20.20 -16.10
N LEU B 38 15.93 -20.87 -16.16
CA LEU B 38 14.68 -20.35 -15.63
C LEU B 38 14.19 -21.24 -14.50
N SER B 39 13.76 -20.61 -13.41
CA SER B 39 13.30 -21.33 -12.23
C SER B 39 11.91 -20.84 -11.83
N TRP B 40 11.18 -21.72 -11.15
CA TRP B 40 9.87 -21.40 -10.61
C TRP B 40 9.93 -21.47 -9.10
N LEU B 41 9.41 -20.43 -8.44
CA LEU B 41 9.44 -20.32 -6.98
C LEU B 41 8.03 -20.27 -6.44
N GLN B 42 7.85 -20.86 -5.25
CA GLN B 42 6.59 -20.83 -4.54
C GLN B 42 6.78 -20.14 -3.20
N GLN B 43 5.95 -19.13 -2.92
CA GLN B 43 5.99 -18.40 -1.66
C GLN B 43 4.62 -18.52 -1.00
N ARG B 44 4.49 -19.46 -0.07
CA ARG B 44 3.27 -19.60 0.69
C ARG B 44 3.05 -18.36 1.56
N PRO B 45 1.82 -18.09 1.99
CA PRO B 45 1.55 -16.91 2.82
C PRO B 45 2.40 -16.91 4.08
N GLY B 46 3.13 -15.81 4.27
CA GLY B 46 3.92 -15.62 5.47
C GLY B 46 5.15 -16.50 5.57
N GLN B 47 5.65 -17.01 4.45
CA GLN B 47 6.79 -17.91 4.43
C GLN B 47 7.77 -17.46 3.35
N PRO B 48 9.02 -17.87 3.43
CA PRO B 48 9.99 -17.55 2.38
C PRO B 48 9.68 -18.33 1.11
N PRO B 49 10.27 -17.95 -0.01
CA PRO B 49 10.07 -18.72 -1.25
C PRO B 49 10.82 -20.03 -1.22
N ARG B 50 10.22 -21.05 -1.83
CA ARG B 50 10.88 -22.34 -2.00
C ARG B 50 10.94 -22.69 -3.48
N LEU B 51 12.01 -23.40 -3.86
CA LEU B 51 12.26 -23.74 -5.25
C LEU B 51 11.37 -24.91 -5.67
N LEU B 52 10.58 -24.72 -6.72
CA LEU B 52 9.76 -25.77 -7.29
C LEU B 52 10.42 -26.42 -8.51
N LEU B 53 10.79 -25.61 -9.50
CA LEU B 53 11.36 -26.10 -10.74
C LEU B 53 12.63 -25.33 -11.07
N TYR B 54 13.62 -26.04 -11.59
CA TYR B 54 14.85 -25.41 -12.09
C TYR B 54 15.14 -25.96 -13.47
N GLU B 55 15.75 -25.10 -14.31
CA GLU B 55 16.02 -25.41 -15.71
C GLU B 55 14.74 -25.85 -16.42
N ILE B 56 13.74 -24.97 -16.35
CA ILE B 56 12.42 -25.14 -16.97
C ILE B 56 11.61 -26.21 -16.26
N SER B 57 12.03 -27.48 -16.42
CA SER B 57 11.16 -28.60 -16.12
C SER B 57 11.67 -29.57 -15.06
N ASN B 58 12.85 -29.33 -14.49
CA ASN B 58 13.40 -30.26 -13.50
C ASN B 58 12.84 -29.96 -12.12
N ARG B 59 12.34 -31.00 -11.45
CA ARG B 59 11.72 -30.88 -10.15
C ARG B 59 12.76 -30.92 -9.04
N PHE B 60 12.62 -30.02 -8.07
CA PHE B 60 13.55 -29.92 -6.95
C PHE B 60 13.26 -31.01 -5.92
N SER B 61 14.07 -31.05 -4.87
CA SER B 61 13.91 -32.07 -3.83
C SER B 61 12.55 -31.94 -3.15
N GLY B 62 11.87 -33.07 -3.01
CA GLY B 62 10.60 -33.11 -2.31
C GLY B 62 9.49 -32.34 -2.98
N VAL B 63 9.59 -32.05 -4.27
CA VAL B 63 8.54 -31.35 -4.98
C VAL B 63 7.58 -32.38 -5.57
N PRO B 64 6.27 -32.25 -5.35
CA PRO B 64 5.33 -33.25 -5.87
C PRO B 64 5.32 -33.29 -7.39
N ASP B 65 5.00 -34.46 -7.94
CA ASP B 65 4.97 -34.67 -9.37
C ASP B 65 3.83 -33.94 -10.07
N ARG B 66 2.88 -33.38 -9.32
CA ARG B 66 1.81 -32.61 -9.95
C ARG B 66 2.30 -31.27 -10.48
N PHE B 67 3.40 -30.75 -9.95
CA PHE B 67 4.01 -29.54 -10.51
C PHE B 67 4.82 -29.90 -11.75
N SER B 68 4.59 -29.16 -12.83
CA SER B 68 5.21 -29.47 -14.11
C SER B 68 5.72 -28.18 -14.74
N GLY B 69 6.72 -28.32 -15.60
CA GLY B 69 7.28 -27.18 -16.31
C GLY B 69 7.42 -27.42 -17.80
N SER B 70 7.09 -26.42 -18.61
CA SER B 70 7.18 -26.53 -20.06
C SER B 70 7.63 -25.18 -20.62
N GLY B 71 7.53 -25.02 -21.93
CA GLY B 71 7.98 -23.81 -22.59
C GLY B 71 9.48 -23.74 -22.72
N THR B 72 9.97 -23.09 -23.77
CA THR B 72 11.40 -22.98 -24.00
C THR B 72 11.70 -21.70 -24.75
N GLY B 73 12.85 -21.09 -24.44
CA GLY B 73 13.28 -19.88 -25.10
C GLY B 73 12.90 -18.61 -24.35
N THR B 74 11.72 -18.08 -24.64
CA THR B 74 11.24 -16.86 -24.00
C THR B 74 9.85 -17.00 -23.38
N ASP B 75 9.15 -18.11 -23.61
CA ASP B 75 7.83 -18.34 -23.05
C ASP B 75 7.87 -19.61 -22.20
N PHE B 76 7.35 -19.53 -20.98
CA PHE B 76 7.41 -20.64 -20.04
C PHE B 76 6.10 -20.75 -19.28
N THR B 77 5.79 -21.97 -18.84
CA THR B 77 4.53 -22.26 -18.18
C THR B 77 4.75 -23.24 -17.05
N LEU B 78 4.29 -22.87 -15.85
CA LEU B 78 4.25 -23.77 -14.70
C LEU B 78 2.84 -24.34 -14.59
N LYS B 79 2.74 -25.66 -14.54
CA LYS B 79 1.45 -26.35 -14.54
C LYS B 79 1.31 -27.19 -13.28
N ILE B 80 0.12 -27.12 -12.68
CA ILE B 80 -0.27 -27.98 -11.56
C ILE B 80 -1.44 -28.82 -12.03
N SER B 81 -1.30 -30.15 -11.98
CA SER B 81 -2.34 -31.03 -12.48
C SER B 81 -3.55 -31.03 -11.54
N ARG B 82 -3.31 -31.05 -10.24
CA ARG B 82 -4.37 -31.02 -9.23
C ARG B 82 -4.02 -29.97 -8.19
N VAL B 83 -4.79 -28.91 -8.12
CA VAL B 83 -4.55 -27.83 -7.15
C VAL B 83 -4.97 -28.31 -5.77
N GLU B 84 -4.02 -28.35 -4.84
CA GLU B 84 -4.27 -28.76 -3.46
C GLU B 84 -4.21 -27.55 -2.54
N ALA B 85 -4.49 -27.80 -1.25
CA ALA B 85 -4.61 -26.70 -0.30
C ALA B 85 -3.25 -26.10 0.05
N GLU B 86 -2.17 -26.87 -0.07
CA GLU B 86 -0.84 -26.33 0.20
C GLU B 86 -0.33 -25.44 -0.94
N ASP B 87 -1.06 -25.33 -2.03
CA ASP B 87 -0.61 -24.62 -3.22
C ASP B 87 -0.98 -23.14 -3.19
N VAL B 88 -1.50 -22.62 -2.08
CA VAL B 88 -1.85 -21.21 -2.00
C VAL B 88 -0.56 -20.39 -1.91
N GLY B 89 -0.60 -19.18 -2.47
CA GLY B 89 0.48 -18.23 -2.37
C GLY B 89 0.79 -17.61 -3.71
N VAL B 90 1.93 -16.92 -3.77
CA VAL B 90 2.39 -16.25 -4.98
C VAL B 90 3.51 -17.09 -5.60
N TYR B 91 3.54 -17.13 -6.93
CA TYR B 91 4.54 -17.89 -7.68
C TYR B 91 5.38 -16.93 -8.50
N TYR B 92 6.69 -17.09 -8.43
CA TYR B 92 7.63 -16.22 -9.13
C TYR B 92 8.49 -17.04 -10.08
N CYS B 93 8.75 -16.48 -11.26
CA CYS B 93 9.77 -17.03 -12.15
C CYS B 93 11.04 -16.19 -12.02
N MET B 94 12.17 -16.86 -12.19
CA MET B 94 13.47 -16.23 -11.97
C MET B 94 14.43 -16.70 -13.06
N GLN B 95 15.21 -15.75 -13.58
CA GLN B 95 16.27 -16.06 -14.52
C GLN B 95 17.62 -15.98 -13.81
N THR B 96 18.53 -16.89 -14.18
CA THR B 96 19.89 -16.86 -13.69
C THR B 96 20.88 -17.07 -14.84
N THR B 97 20.53 -16.58 -16.03
CA THR B 97 21.43 -16.64 -17.17
C THR B 97 22.27 -15.38 -17.31
N GLN B 98 21.77 -14.25 -16.84
CA GLN B 98 22.52 -13.01 -16.73
C GLN B 98 22.69 -12.64 -15.27
N PHE B 99 23.62 -11.73 -15.00
CA PHE B 99 23.94 -11.51 -13.60
C PHE B 99 23.13 -10.41 -12.93
N PRO B 100 22.57 -9.45 -13.67
CA PRO B 100 21.41 -8.72 -13.11
C PRO B 100 20.24 -9.68 -12.96
N ILE B 101 20.22 -10.41 -11.83
CA ILE B 101 19.20 -11.43 -11.58
C ILE B 101 17.85 -10.75 -11.45
N THR B 102 16.91 -11.10 -12.33
CA THR B 102 15.60 -10.47 -12.37
C THR B 102 14.50 -11.49 -12.11
N PHE B 103 13.52 -11.09 -11.33
CA PHE B 103 12.37 -11.90 -10.99
C PHE B 103 11.14 -11.41 -11.74
N GLY B 104 10.08 -12.22 -11.69
CA GLY B 104 8.79 -11.78 -12.19
C GLY B 104 8.04 -10.98 -11.16
N GLN B 105 6.89 -10.44 -11.58
CA GLN B 105 6.05 -9.72 -10.63
C GLN B 105 5.31 -10.67 -9.70
N GLY B 106 5.07 -11.89 -10.14
CA GLY B 106 4.39 -12.87 -9.32
C GLY B 106 2.97 -13.11 -9.81
N THR B 107 2.48 -14.33 -9.56
CA THR B 107 1.10 -14.72 -9.88
C THR B 107 0.47 -15.30 -8.62
N ARG B 108 -0.47 -14.57 -8.03
CA ARG B 108 -1.16 -15.06 -6.85
C ARG B 108 -2.17 -16.13 -7.24
N LEU B 109 -2.11 -17.27 -6.55
CA LEU B 109 -3.00 -18.40 -6.80
C LEU B 109 -4.02 -18.47 -5.68
N GLU B 110 -5.25 -18.06 -5.96
CA GLU B 110 -6.34 -18.14 -5.02
C GLU B 110 -7.16 -19.39 -5.29
N ILE B 111 -7.57 -20.07 -4.22
CA ILE B 111 -8.21 -21.38 -4.31
C ILE B 111 -9.70 -21.22 -4.07
N LYS B 112 -10.51 -21.74 -5.00
CA LYS B 112 -11.96 -21.74 -4.87
C LYS B 112 -12.42 -23.04 -4.25
N ARG B 113 -13.31 -22.95 -3.26
CA ARG B 113 -13.80 -24.12 -2.55
C ARG B 113 -15.28 -23.91 -2.25
N THR B 114 -15.85 -24.81 -1.46
CA THR B 114 -17.25 -24.71 -1.07
C THR B 114 -17.44 -23.64 0.01
N VAL B 115 -18.70 -23.35 0.31
CA VAL B 115 -19.01 -22.32 1.27
C VAL B 115 -18.70 -22.81 2.68
N ALA B 116 -18.16 -21.91 3.51
CA ALA B 116 -17.85 -22.21 4.90
C ALA B 116 -18.38 -21.08 5.77
N ALA B 117 -19.15 -21.43 6.80
CA ALA B 117 -19.75 -20.42 7.66
C ALA B 117 -18.75 -19.94 8.70
N PRO B 118 -18.73 -18.65 9.01
CA PRO B 118 -17.78 -18.14 10.00
C PRO B 118 -18.22 -18.44 11.43
N SER B 119 -17.25 -18.71 12.29
CA SER B 119 -17.49 -18.89 13.71
C SER B 119 -17.33 -17.54 14.40
N VAL B 120 -18.43 -17.02 14.95
CA VAL B 120 -18.48 -15.67 15.49
C VAL B 120 -18.28 -15.74 17.01
N PHE B 121 -17.20 -15.13 17.48
CA PHE B 121 -16.92 -14.98 18.90
C PHE B 121 -16.66 -13.52 19.21
N ILE B 122 -17.18 -13.05 20.35
CA ILE B 122 -17.01 -11.68 20.78
C ILE B 122 -16.23 -11.69 22.09
N PHE B 123 -15.34 -10.71 22.25
CA PHE B 123 -14.48 -10.62 23.42
C PHE B 123 -14.64 -9.24 24.05
N PRO B 124 -15.10 -9.15 25.29
CA PRO B 124 -15.19 -7.86 25.97
C PRO B 124 -13.81 -7.32 26.29
N PRO B 125 -13.69 -6.01 26.52
CA PRO B 125 -12.37 -5.46 26.87
C PRO B 125 -11.89 -5.97 28.22
N SER B 126 -10.58 -6.13 28.33
CA SER B 126 -9.98 -6.58 29.58
C SER B 126 -9.99 -5.45 30.61
N ASP B 127 -10.11 -5.82 31.88
CA ASP B 127 -10.07 -4.83 32.95
C ASP B 127 -8.72 -4.13 33.02
N GLU B 128 -7.65 -4.78 32.55
CA GLU B 128 -6.35 -4.12 32.49
C GLU B 128 -6.36 -2.97 31.51
N GLN B 129 -7.00 -3.16 30.35
CA GLN B 129 -7.14 -2.07 29.39
C GLN B 129 -8.06 -0.98 29.92
N LEU B 130 -9.08 -1.35 30.69
CA LEU B 130 -9.97 -0.36 31.28
C LEU B 130 -9.23 0.58 32.21
N LYS B 131 -8.19 0.10 32.89
CA LYS B 131 -7.38 0.97 33.72
C LYS B 131 -6.58 1.96 32.89
N SER B 132 -6.28 1.61 31.64
CA SER B 132 -5.49 2.47 30.77
C SER B 132 -6.32 3.58 30.13
N GLY B 133 -7.63 3.63 30.38
CA GLY B 133 -8.49 4.63 29.80
C GLY B 133 -9.12 4.25 28.47
N THR B 134 -8.62 3.20 27.83
CA THR B 134 -9.16 2.72 26.56
C THR B 134 -9.92 1.41 26.76
N ALA B 135 -10.60 0.98 25.70
CA ALA B 135 -11.37 -0.25 25.74
C ALA B 135 -11.57 -0.74 24.31
N SER B 136 -11.24 -2.00 24.07
CA SER B 136 -11.33 -2.59 22.74
C SER B 136 -12.19 -3.84 22.78
N VAL B 137 -13.22 -3.86 21.94
CA VAL B 137 -14.11 -5.02 21.80
C VAL B 137 -13.76 -5.70 20.49
N VAL B 138 -13.42 -6.98 20.55
CA VAL B 138 -12.97 -7.74 19.39
C VAL B 138 -14.09 -8.68 18.96
N CYS B 139 -14.35 -8.72 17.66
CA CYS B 139 -15.34 -9.62 17.06
C CYS B 139 -14.59 -10.54 16.11
N LEU B 140 -14.56 -11.83 16.43
CA LEU B 140 -13.78 -12.81 15.69
C LEU B 140 -14.66 -13.60 14.73
N LEU B 141 -14.24 -13.69 13.48
CA LEU B 141 -14.86 -14.54 12.48
C LEU B 141 -13.83 -15.57 12.03
N ASN B 142 -14.08 -16.84 12.31
CA ASN B 142 -13.08 -17.89 12.17
C ASN B 142 -13.46 -18.86 11.08
N ASN B 143 -12.54 -19.05 10.12
CA ASN B 143 -12.63 -20.10 9.10
C ASN B 143 -13.90 -20.01 8.27
N PHE B 144 -13.91 -19.14 7.27
CA PHE B 144 -15.06 -18.97 6.39
C PHE B 144 -14.60 -18.75 4.95
N TYR B 145 -15.46 -19.14 4.01
CA TYR B 145 -15.25 -18.92 2.59
C TYR B 145 -16.61 -18.63 1.97
N PRO B 146 -16.70 -17.63 1.08
CA PRO B 146 -15.61 -16.80 0.55
C PRO B 146 -15.15 -15.70 1.50
N ARG B 147 -14.23 -14.86 1.01
CA ARG B 147 -13.65 -13.81 1.86
C ARG B 147 -14.64 -12.70 2.17
N GLU B 148 -15.63 -12.49 1.30
CA GLU B 148 -16.55 -11.38 1.46
C GLU B 148 -17.46 -11.58 2.67
N ALA B 149 -17.50 -10.59 3.55
CA ALA B 149 -18.34 -10.64 4.74
C ALA B 149 -18.62 -9.22 5.19
N LYS B 150 -19.63 -9.08 6.04
CA LYS B 150 -20.02 -7.78 6.59
C LYS B 150 -20.19 -7.91 8.10
N VAL B 151 -19.42 -7.14 8.85
CA VAL B 151 -19.49 -7.11 10.31
C VAL B 151 -19.98 -5.72 10.72
N GLN B 152 -21.10 -5.68 11.44
CA GLN B 152 -21.75 -4.43 11.82
C GLN B 152 -21.72 -4.30 13.33
N TRP B 153 -21.15 -3.21 13.83
CA TRP B 153 -21.09 -2.95 15.27
C TRP B 153 -22.33 -2.17 15.69
N LYS B 154 -23.12 -2.78 16.58
CA LYS B 154 -24.33 -2.15 17.12
C LYS B 154 -24.14 -1.98 18.63
N VAL B 155 -23.70 -0.80 19.03
CA VAL B 155 -23.52 -0.48 20.44
C VAL B 155 -24.84 0.01 21.01
N ASP B 156 -25.35 -0.70 22.02
CA ASP B 156 -26.63 -0.37 22.65
C ASP B 156 -27.76 -0.37 21.64
N ASN B 157 -27.72 -1.31 20.71
CA ASN B 157 -28.68 -1.42 19.61
C ASN B 157 -28.73 -0.12 18.81
N ALA B 158 -27.55 0.33 18.37
CA ALA B 158 -27.44 1.51 17.52
C ALA B 158 -26.23 1.31 16.63
N LEU B 159 -26.44 1.34 15.32
CA LEU B 159 -25.35 1.06 14.38
C LEU B 159 -24.24 2.09 14.54
N GLN B 160 -23.01 1.59 14.70
CA GLN B 160 -21.84 2.43 14.88
C GLN B 160 -20.89 2.25 13.71
N SER B 161 -20.42 3.37 13.17
CA SER B 161 -19.44 3.37 12.09
C SER B 161 -18.40 4.43 12.38
N GLY B 162 -17.14 4.10 12.10
CA GLY B 162 -16.04 5.04 12.27
C GLY B 162 -15.10 4.73 13.42
N ASN B 163 -15.49 3.81 14.33
CA ASN B 163 -14.66 3.47 15.48
C ASN B 163 -14.17 2.03 15.42
N SER B 164 -14.17 1.41 14.24
CA SER B 164 -13.81 0.01 14.09
C SER B 164 -12.84 -0.18 12.94
N GLN B 165 -11.84 -1.03 13.16
CA GLN B 165 -10.92 -1.45 12.12
C GLN B 165 -10.92 -2.98 12.03
N GLU B 166 -10.68 -3.49 10.82
CA GLU B 166 -10.75 -4.92 10.56
C GLU B 166 -9.41 -5.43 10.05
N SER B 167 -9.26 -6.75 10.07
CA SER B 167 -8.05 -7.40 9.60
C SER B 167 -8.41 -8.81 9.16
N VAL B 168 -8.24 -9.08 7.87
CA VAL B 168 -8.53 -10.39 7.30
C VAL B 168 -7.21 -11.13 7.11
N THR B 169 -7.19 -12.40 7.51
CA THR B 169 -6.01 -13.23 7.29
C THR B 169 -5.91 -13.61 5.82
N GLU B 170 -4.80 -14.26 5.47
CA GLU B 170 -4.63 -14.81 4.15
C GLU B 170 -5.26 -16.20 4.07
N GLN B 171 -5.40 -16.71 2.84
CA GLN B 171 -6.07 -17.98 2.65
C GLN B 171 -5.24 -19.10 3.27
N ASP B 172 -5.91 -19.98 4.01
CA ASP B 172 -5.22 -20.99 4.78
C ASP B 172 -4.72 -22.12 3.89
N SER B 173 -3.61 -22.74 4.31
CA SER B 173 -2.99 -23.83 3.58
C SER B 173 -3.52 -25.20 3.99
N LYS B 174 -4.45 -25.26 4.95
CA LYS B 174 -5.06 -26.50 5.38
C LYS B 174 -6.53 -26.64 5.00
N ASP B 175 -7.28 -25.54 4.98
CA ASP B 175 -8.69 -25.58 4.61
C ASP B 175 -9.08 -24.54 3.57
N SER B 176 -8.17 -23.63 3.18
CA SER B 176 -8.44 -22.63 2.14
C SER B 176 -9.60 -21.72 2.54
N THR B 177 -9.64 -21.31 3.80
CA THR B 177 -10.65 -20.40 4.31
C THR B 177 -10.00 -19.08 4.72
N TYR B 178 -10.79 -18.21 5.34
CA TYR B 178 -10.31 -16.92 5.83
C TYR B 178 -10.78 -16.72 7.26
N SER B 179 -10.07 -15.86 7.98
CA SER B 179 -10.46 -15.45 9.33
C SER B 179 -10.40 -13.93 9.41
N LEU B 180 -11.36 -13.35 10.13
CA LEU B 180 -11.50 -11.91 10.21
C LEU B 180 -11.66 -11.48 11.66
N SER B 181 -11.01 -10.38 12.02
CA SER B 181 -11.13 -9.78 13.34
C SER B 181 -11.48 -8.31 13.20
N SER B 182 -12.45 -7.86 13.98
CA SER B 182 -12.92 -6.47 13.97
C SER B 182 -12.80 -5.90 15.37
N THR B 183 -11.99 -4.86 15.52
CA THR B 183 -11.72 -4.25 16.81
C THR B 183 -12.43 -2.90 16.89
N LEU B 184 -13.30 -2.75 17.87
CA LEU B 184 -13.99 -1.48 18.14
C LEU B 184 -13.33 -0.83 19.35
N THR B 185 -12.60 0.25 19.11
CA THR B 185 -11.83 0.93 20.15
C THR B 185 -12.56 2.19 20.60
N LEU B 186 -12.96 2.23 21.85
CA LEU B 186 -13.64 3.37 22.44
C LEU B 186 -12.96 3.76 23.75
N SER B 187 -13.21 4.97 24.19
CA SER B 187 -12.71 5.41 25.49
C SER B 187 -13.51 4.76 26.62
N LYS B 188 -12.91 4.75 27.81
CA LYS B 188 -13.58 4.15 28.96
C LYS B 188 -14.84 4.92 29.33
N ALA B 189 -14.81 6.24 29.19
CA ALA B 189 -16.01 7.04 29.45
C ALA B 189 -17.11 6.70 28.44
N ASP B 190 -16.77 6.62 27.16
CA ASP B 190 -17.74 6.23 26.15
C ASP B 190 -18.13 4.77 26.28
N TYR B 191 -17.23 3.93 26.80
CA TYR B 191 -17.55 2.52 26.98
C TYR B 191 -18.61 2.33 28.06
N GLU B 192 -18.57 3.13 29.11
CA GLU B 192 -19.51 3.04 30.21
C GLU B 192 -20.76 3.89 29.99
N LYS B 193 -20.95 4.42 28.77
CA LYS B 193 -22.18 5.12 28.41
C LYS B 193 -23.24 4.19 27.86
N HIS B 194 -22.90 2.94 27.55
CA HIS B 194 -23.84 2.00 26.96
C HIS B 194 -23.71 0.65 27.67
N LYS B 195 -24.64 -0.25 27.37
CA LYS B 195 -24.71 -1.55 28.02
C LYS B 195 -24.51 -2.71 27.04
N VAL B 196 -25.33 -2.80 26.01
CA VAL B 196 -25.29 -3.93 25.08
C VAL B 196 -24.28 -3.61 23.97
N TYR B 197 -23.28 -4.48 23.84
CA TYR B 197 -22.29 -4.37 22.77
C TYR B 197 -22.37 -5.63 21.92
N ALA B 198 -22.72 -5.48 20.65
CA ALA B 198 -22.95 -6.60 19.77
C ALA B 198 -22.35 -6.34 18.40
N CYS B 199 -21.90 -7.41 17.75
CA CYS B 199 -21.46 -7.35 16.35
C CYS B 199 -22.29 -8.35 15.55
N GLU B 200 -22.95 -7.85 14.51
CA GLU B 200 -23.81 -8.65 13.65
C GLU B 200 -23.06 -9.03 12.39
N VAL B 201 -23.07 -10.32 12.06
CA VAL B 201 -22.30 -10.86 10.94
C VAL B 201 -23.28 -11.38 9.90
N THR B 202 -23.02 -11.04 8.64
CA THR B 202 -23.77 -11.56 7.50
C THR B 202 -22.80 -12.22 6.53
N HIS B 203 -23.05 -13.49 6.20
CA HIS B 203 -22.18 -14.23 5.30
C HIS B 203 -23.01 -15.13 4.41
N GLN B 204 -22.42 -15.55 3.30
CA GLN B 204 -23.10 -16.42 2.35
C GLN B 204 -23.46 -17.77 2.99
N GLY B 205 -22.62 -18.25 3.91
CA GLY B 205 -22.94 -19.49 4.59
C GLY B 205 -24.06 -19.34 5.60
N LEU B 206 -24.10 -18.22 6.30
CA LEU B 206 -25.14 -17.98 7.30
C LEU B 206 -26.47 -17.69 6.61
N SER B 207 -27.49 -18.48 6.93
CA SER B 207 -28.82 -18.23 6.38
C SER B 207 -29.41 -16.95 6.96
N SER B 208 -29.31 -16.77 8.27
CA SER B 208 -29.75 -15.57 8.95
C SER B 208 -28.58 -14.92 9.68
N PRO B 209 -28.58 -13.59 9.83
CA PRO B 209 -27.44 -12.92 10.45
C PRO B 209 -27.21 -13.37 11.88
N VAL B 210 -25.95 -13.72 12.17
CA VAL B 210 -25.55 -14.17 13.50
C VAL B 210 -25.08 -12.96 14.31
N THR B 211 -25.57 -12.85 15.53
CA THR B 211 -25.23 -11.74 16.42
C THR B 211 -24.68 -12.28 17.72
N LYS B 212 -23.47 -11.86 18.08
CA LYS B 212 -22.85 -12.18 19.36
C LYS B 212 -22.81 -10.91 20.20
N SER B 213 -23.38 -10.96 21.40
CA SER B 213 -23.53 -9.79 22.24
C SER B 213 -23.10 -10.11 23.67
N PHE B 214 -22.67 -9.07 24.37
CA PHE B 214 -22.43 -9.13 25.80
C PHE B 214 -22.86 -7.81 26.41
N ASN B 215 -23.11 -7.83 27.72
CA ASN B 215 -23.44 -6.63 28.46
C ASN B 215 -22.28 -6.26 29.38
N ARG B 216 -22.15 -4.96 29.66
CA ARG B 216 -21.05 -4.46 30.47
C ARG B 216 -21.02 -5.09 31.85
N GLY B 217 -22.15 -5.58 32.35
CA GLY B 217 -22.21 -6.26 33.64
C GLY B 217 -21.75 -7.70 33.57
N GLN C 1 4.11 35.99 -13.82
CA GLN C 1 3.64 34.93 -12.93
C GLN C 1 4.41 33.63 -13.15
N VAL C 2 5.05 33.15 -12.08
CA VAL C 2 5.89 31.96 -12.17
C VAL C 2 5.05 30.75 -12.52
N GLN C 3 5.56 29.92 -13.43
CA GLN C 3 4.85 28.74 -13.88
C GLN C 3 5.86 27.64 -14.20
N LEU C 4 5.72 26.49 -13.56
CA LEU C 4 6.61 25.34 -13.75
C LEU C 4 5.82 24.22 -14.41
N VAL C 5 6.25 23.81 -15.60
CA VAL C 5 5.56 22.80 -16.39
C VAL C 5 6.48 21.61 -16.59
N GLU C 6 6.00 20.43 -16.24
CA GLU C 6 6.78 19.20 -16.34
C GLU C 6 6.33 18.37 -17.54
N SER C 7 7.13 17.38 -17.89
CA SER C 7 6.89 16.53 -19.04
C SER C 7 7.83 15.35 -19.00
N GLY C 8 7.32 14.18 -19.40
CA GLY C 8 8.18 13.02 -19.60
C GLY C 8 7.85 11.80 -18.76
N GLY C 9 6.71 11.81 -18.09
CA GLY C 9 6.33 10.68 -17.25
C GLY C 9 5.99 9.46 -18.06
N GLY C 10 5.37 8.49 -17.38
CA GLY C 10 4.89 7.29 -18.04
C GLY C 10 5.49 6.01 -17.51
N VAL C 11 5.47 4.96 -18.33
CA VAL C 11 5.96 3.64 -17.93
C VAL C 11 7.38 3.45 -18.45
N VAL C 12 8.22 2.81 -17.64
CA VAL C 12 9.59 2.49 -18.02
C VAL C 12 9.87 1.05 -17.61
N GLN C 13 10.54 0.31 -18.48
CA GLN C 13 10.95 -1.03 -18.13
C GLN C 13 12.07 -1.01 -17.10
N PRO C 14 12.16 -2.03 -16.24
CA PRO C 14 13.20 -2.03 -15.21
C PRO C 14 14.59 -2.03 -15.83
N GLY C 15 15.46 -1.19 -15.27
CA GLY C 15 16.81 -1.04 -15.77
C GLY C 15 16.97 -0.01 -16.87
N ARG C 16 15.87 0.45 -17.47
CA ARG C 16 15.92 1.41 -18.56
C ARG C 16 15.91 2.84 -18.03
N SER C 17 16.10 3.79 -18.94
CA SER C 17 16.26 5.19 -18.59
C SER C 17 15.00 5.98 -18.89
N LEU C 18 14.92 7.17 -18.27
CA LEU C 18 13.84 8.11 -18.54
C LEU C 18 14.33 9.50 -18.16
N ARG C 19 14.02 10.49 -18.99
CA ARG C 19 14.39 11.86 -18.74
C ARG C 19 13.15 12.71 -18.50
N LEU C 20 13.21 13.59 -17.51
CA LEU C 20 12.13 14.49 -17.18
C LEU C 20 12.53 15.94 -17.49
N SER C 21 11.56 16.73 -17.91
CA SER C 21 11.78 18.13 -18.27
C SER C 21 10.91 19.02 -17.40
N CYS C 22 11.44 20.21 -17.09
CA CYS C 22 10.74 21.19 -16.25
C CYS C 22 11.02 22.57 -16.87
N ALA C 23 10.02 23.10 -17.58
CA ALA C 23 10.16 24.38 -18.26
C ALA C 23 9.71 25.51 -17.33
N ALA C 24 10.57 26.51 -17.17
CA ALA C 24 10.34 27.61 -16.25
C ALA C 24 9.93 28.86 -17.02
N SER C 25 9.14 29.71 -16.36
CA SER C 25 8.69 30.97 -16.92
C SER C 25 8.17 31.83 -15.78
N GLY C 26 8.23 33.15 -15.97
CA GLY C 26 7.78 34.08 -14.97
C GLY C 26 8.85 34.54 -14.00
N PHE C 27 10.10 34.14 -14.20
CA PHE C 27 11.20 34.58 -13.35
C PHE C 27 12.50 34.29 -14.09
N THR C 28 13.57 34.96 -13.64
CA THR C 28 14.88 34.74 -14.24
C THR C 28 15.40 33.36 -13.85
N PHE C 29 15.15 32.37 -14.70
CA PHE C 29 15.50 30.99 -14.37
C PHE C 29 17.00 30.81 -14.18
N SER C 30 17.81 31.63 -14.84
CA SER C 30 19.26 31.44 -14.82
C SER C 30 19.92 31.89 -13.53
N VAL C 31 19.20 32.57 -12.64
CA VAL C 31 19.78 33.09 -11.42
C VAL C 31 19.20 32.41 -10.18
N TYR C 32 18.43 31.33 -10.36
CA TYR C 32 17.85 30.59 -9.26
C TYR C 32 18.23 29.12 -9.37
N GLY C 33 18.52 28.50 -8.21
CA GLY C 33 18.67 27.07 -8.17
C GLY C 33 17.33 26.35 -8.19
N MET C 34 17.36 25.08 -8.57
CA MET C 34 16.15 24.30 -8.74
C MET C 34 16.29 22.98 -7.98
N HIS C 35 15.14 22.41 -7.61
CA HIS C 35 15.09 21.16 -6.87
C HIS C 35 14.19 20.16 -7.59
N TRP C 36 14.46 18.88 -7.36
CA TRP C 36 13.56 17.79 -7.74
C TRP C 36 13.12 17.08 -6.47
N VAL C 37 11.82 16.84 -6.35
CA VAL C 37 11.24 16.15 -5.20
C VAL C 37 10.28 15.09 -5.72
N ARG C 38 10.38 13.88 -5.18
CA ARG C 38 9.51 12.79 -5.61
C ARG C 38 8.67 12.30 -4.43
N GLN C 39 7.56 11.65 -4.76
CA GLN C 39 6.60 11.21 -3.76
C GLN C 39 5.98 9.90 -4.24
N ALA C 40 6.28 8.81 -3.54
CA ALA C 40 5.73 7.51 -3.89
C ALA C 40 4.23 7.48 -3.62
N PRO C 41 3.49 6.60 -4.29
CA PRO C 41 2.03 6.55 -4.10
C PRO C 41 1.66 6.29 -2.64
N GLY C 42 0.86 7.21 -2.09
CA GLY C 42 0.48 7.11 -0.69
C GLY C 42 1.60 7.33 0.30
N LYS C 43 2.73 7.86 -0.13
CA LYS C 43 3.89 8.09 0.73
C LYS C 43 4.17 9.58 0.81
N GLY C 44 5.29 9.93 1.45
CA GLY C 44 5.64 11.32 1.68
C GLY C 44 6.62 11.86 0.64
N LEU C 45 6.93 13.14 0.80
CA LEU C 45 7.87 13.81 -0.08
C LEU C 45 9.31 13.39 0.24
N GLU C 46 10.10 13.20 -0.82
CA GLU C 46 11.51 12.85 -0.67
C GLU C 46 12.32 13.69 -1.64
N TRP C 47 13.25 14.49 -1.09
CA TRP C 47 14.16 15.27 -1.91
C TRP C 47 15.01 14.36 -2.78
N VAL C 48 15.25 14.79 -4.02
CA VAL C 48 16.01 13.99 -5.00
C VAL C 48 17.35 14.64 -5.32
N ALA C 49 17.34 15.82 -5.92
CA ALA C 49 18.57 16.49 -6.33
C ALA C 49 18.35 17.99 -6.37
N VAL C 50 19.46 18.72 -6.50
CA VAL C 50 19.45 20.17 -6.61
C VAL C 50 20.52 20.59 -7.60
N ILE C 51 20.25 21.68 -8.33
CA ILE C 51 21.18 22.22 -9.31
C ILE C 51 21.36 23.70 -9.02
N TRP C 52 22.60 24.17 -9.15
CA TRP C 52 22.91 25.58 -8.94
C TRP C 52 22.32 26.42 -10.07
N TYR C 53 22.37 27.75 -9.89
CA TYR C 53 21.83 28.66 -10.90
C TYR C 53 22.58 28.54 -12.22
N ASP C 54 23.87 28.24 -12.18
CA ASP C 54 24.70 28.10 -13.36
C ASP C 54 25.13 26.67 -13.62
N GLY C 55 24.67 25.71 -12.81
CA GLY C 55 25.11 24.34 -12.93
C GLY C 55 26.48 24.05 -12.39
N SER C 56 27.05 24.97 -11.59
CA SER C 56 28.40 24.76 -11.08
C SER C 56 28.46 23.63 -10.07
N ASN C 57 27.38 23.37 -9.35
CA ASN C 57 27.35 22.33 -8.35
C ASN C 57 26.02 21.58 -8.42
N LYS C 58 26.09 20.26 -8.31
CA LYS C 58 24.92 19.40 -8.23
C LYS C 58 25.03 18.54 -6.99
N ILE C 59 23.95 18.43 -6.23
CA ILE C 59 23.90 17.61 -5.02
C ILE C 59 22.71 16.66 -5.12
N TYR C 60 22.95 15.38 -4.93
CA TYR C 60 21.93 14.35 -5.05
C TYR C 60 21.63 13.72 -3.70
N ALA C 61 20.59 12.91 -3.67
CA ALA C 61 20.27 12.07 -2.52
C ALA C 61 20.95 10.72 -2.68
N ASP C 62 21.41 10.16 -1.56
CA ASP C 62 22.12 8.87 -1.61
C ASP C 62 21.30 7.81 -2.32
N SER C 63 19.97 7.85 -2.19
CA SER C 63 19.11 6.88 -2.84
C SER C 63 19.19 6.95 -4.37
N VAL C 64 19.62 8.07 -4.93
CA VAL C 64 19.67 8.27 -6.37
C VAL C 64 21.06 8.62 -6.88
N LYS C 65 22.04 8.76 -5.99
CA LYS C 65 23.38 9.14 -6.42
C LYS C 65 23.98 8.04 -7.30
N GLY C 66 24.51 8.45 -8.45
CA GLY C 66 25.10 7.53 -9.40
C GLY C 66 24.18 7.12 -10.54
N ARG C 67 22.87 7.30 -10.38
CA ARG C 67 21.92 6.94 -11.41
C ARG C 67 21.19 8.14 -12.01
N PHE C 68 20.75 9.08 -11.18
CA PHE C 68 20.08 10.28 -11.67
C PHE C 68 21.10 11.37 -11.96
N THR C 69 20.76 12.24 -12.90
CA THR C 69 21.63 13.35 -13.28
C THR C 69 20.76 14.56 -13.54
N ILE C 70 20.89 15.56 -12.69
CA ILE C 70 20.14 16.81 -12.83
C ILE C 70 20.98 17.79 -13.64
N SER C 71 20.32 18.53 -14.53
CA SER C 71 21.00 19.51 -15.37
C SER C 71 20.02 20.59 -15.75
N ARG C 72 20.53 21.63 -16.43
CA ARG C 72 19.70 22.76 -16.81
C ARG C 72 20.24 23.38 -18.10
N ASP C 73 19.32 23.91 -18.89
CA ASP C 73 19.63 24.63 -20.12
C ASP C 73 19.04 26.03 -19.97
N ASN C 74 19.88 27.00 -19.60
CA ASN C 74 19.38 28.34 -19.32
C ASN C 74 18.92 29.05 -20.59
N SER C 75 19.48 28.69 -21.75
CA SER C 75 19.04 29.31 -22.99
C SER C 75 17.63 28.89 -23.38
N LYS C 76 17.13 27.78 -22.84
CA LYS C 76 15.77 27.33 -23.07
C LYS C 76 14.92 27.30 -21.80
N ASN C 77 15.47 27.72 -20.66
CA ASN C 77 14.76 27.74 -19.39
C ASN C 77 14.17 26.37 -19.05
N THR C 78 15.01 25.34 -19.17
CA THR C 78 14.58 23.96 -18.99
C THR C 78 15.44 23.27 -17.94
N LEU C 79 14.79 22.55 -17.04
CA LEU C 79 15.45 21.75 -16.02
C LEU C 79 15.25 20.28 -16.34
N TYR C 80 16.35 19.52 -16.35
CA TYR C 80 16.32 18.13 -16.77
C TYR C 80 16.67 17.20 -15.61
N LEU C 81 16.17 15.96 -15.70
CA LEU C 81 16.50 14.91 -14.75
C LEU C 81 16.60 13.59 -15.50
N GLN C 82 17.82 13.10 -15.69
CA GLN C 82 18.06 11.84 -16.39
C GLN C 82 17.99 10.70 -15.38
N MET C 83 16.88 9.98 -15.37
CA MET C 83 16.68 8.85 -14.46
C MET C 83 17.12 7.58 -15.17
N ASP C 84 18.27 7.03 -14.78
CA ASP C 84 18.83 5.83 -15.38
C ASP C 84 18.75 4.66 -14.40
N SER C 85 18.80 3.45 -14.96
CA SER C 85 18.75 2.21 -14.20
C SER C 85 17.62 2.24 -13.16
N LEU C 86 16.41 2.35 -13.67
CA LEU C 86 15.25 2.57 -12.81
C LEU C 86 14.75 1.25 -12.21
N SER C 87 14.37 1.32 -10.94
CA SER C 87 13.80 0.20 -10.21
C SER C 87 12.40 0.56 -9.76
N ALA C 88 11.68 -0.45 -9.23
CA ALA C 88 10.35 -0.19 -8.70
C ALA C 88 10.39 0.76 -7.50
N ALA C 89 11.54 0.88 -6.84
CA ALA C 89 11.67 1.84 -5.74
C ALA C 89 11.56 3.28 -6.21
N ASP C 90 11.74 3.53 -7.50
CA ASP C 90 11.69 4.88 -8.06
C ASP C 90 10.32 5.27 -8.57
N THR C 91 9.34 4.38 -8.51
CA THR C 91 7.97 4.69 -8.94
C THR C 91 7.40 5.76 -8.01
N ALA C 92 7.19 6.96 -8.55
CA ALA C 92 6.75 8.09 -7.75
C ALA C 92 6.34 9.23 -8.68
N VAL C 93 5.66 10.21 -8.10
CA VAL C 93 5.35 11.46 -8.78
C VAL C 93 6.51 12.42 -8.54
N TYR C 94 7.08 12.95 -9.61
CA TYR C 94 8.30 13.75 -9.54
C TYR C 94 7.96 15.23 -9.73
N TYR C 95 8.23 16.03 -8.70
CA TYR C 95 8.03 17.47 -8.75
C TYR C 95 9.36 18.19 -8.96
N CYS C 96 9.31 19.31 -9.67
CA CYS C 96 10.42 20.26 -9.74
C CYS C 96 10.02 21.52 -8.98
N ALA C 97 10.87 21.94 -8.04
CA ALA C 97 10.58 23.06 -7.17
C ALA C 97 11.64 24.14 -7.31
N LYS C 98 11.25 25.37 -7.00
CA LYS C 98 12.13 26.53 -7.10
C LYS C 98 12.56 26.97 -5.71
N ILE C 99 13.81 27.41 -5.59
CA ILE C 99 14.30 27.98 -4.34
C ILE C 99 13.79 29.39 -4.21
N GLY C 100 13.16 29.70 -3.08
CA GLY C 100 12.64 31.04 -2.85
C GLY C 100 11.97 31.18 -1.49
N SER C 101 12.06 32.38 -0.91
CA SER C 101 11.47 32.68 0.39
C SER C 101 11.92 31.67 1.45
N SER C 102 13.20 31.32 1.41
CA SER C 102 13.82 30.42 2.40
C SER C 102 13.10 29.07 2.47
N SER C 103 12.62 28.61 1.31
CA SER C 103 11.90 27.33 1.22
C SER C 103 11.76 26.93 -0.24
N PHE C 104 10.81 26.04 -0.52
CA PHE C 104 10.41 25.70 -1.90
C PHE C 104 9.11 26.44 -2.16
N ASP C 105 9.21 27.65 -2.70
CA ASP C 105 8.04 28.52 -2.83
C ASP C 105 7.09 28.03 -3.91
N TYR C 106 7.58 27.80 -5.12
CA TYR C 106 6.76 27.37 -6.24
C TYR C 106 7.16 25.97 -6.67
N TRP C 107 6.16 25.15 -6.98
CA TRP C 107 6.36 23.75 -7.36
C TRP C 107 5.80 23.51 -8.75
N GLY C 108 6.09 22.32 -9.28
CA GLY C 108 5.52 21.91 -10.54
C GLY C 108 4.24 21.11 -10.35
N GLN C 109 3.56 20.85 -11.47
CA GLN C 109 2.32 20.07 -11.40
C GLN C 109 2.57 18.62 -11.03
N GLY C 110 3.80 18.12 -11.24
CA GLY C 110 4.10 16.73 -10.94
C GLY C 110 3.82 15.81 -12.11
N THR C 111 4.79 14.95 -12.44
CA THR C 111 4.63 13.96 -13.48
C THR C 111 4.91 12.57 -12.89
N LEU C 112 4.10 11.60 -13.29
CA LEU C 112 4.13 10.27 -12.68
C LEU C 112 5.00 9.33 -13.49
N VAL C 113 5.90 8.63 -12.80
CA VAL C 113 6.82 7.68 -13.41
C VAL C 113 6.55 6.31 -12.81
N ILE C 114 6.26 5.33 -13.66
CA ILE C 114 5.92 3.98 -13.24
C ILE C 114 6.97 3.03 -13.80
N VAL C 115 7.63 2.27 -12.93
CA VAL C 115 8.61 1.29 -13.34
C VAL C 115 7.91 -0.07 -13.28
N SER C 116 7.47 -0.56 -14.44
CA SER C 116 6.76 -1.82 -14.53
C SER C 116 7.01 -2.44 -15.89
N SER C 117 6.77 -3.75 -15.96
CA SER C 117 6.92 -4.52 -17.20
C SER C 117 5.64 -4.57 -18.02
N ALA C 118 4.62 -3.80 -17.64
CA ALA C 118 3.34 -3.84 -18.32
C ALA C 118 3.29 -2.85 -19.47
N SER C 119 2.45 -3.16 -20.45
CA SER C 119 2.34 -2.35 -21.65
C SER C 119 1.32 -1.23 -21.48
N THR C 120 1.45 -0.19 -22.30
CA THR C 120 0.55 0.94 -22.25
C THR C 120 -0.75 0.62 -23.01
N LYS C 121 -1.87 1.00 -22.42
CA LYS C 121 -3.17 0.79 -23.03
C LYS C 121 -4.07 1.97 -22.69
N GLY C 122 -4.72 2.52 -23.71
CA GLY C 122 -5.67 3.59 -23.52
C GLY C 122 -6.97 3.07 -22.92
N PRO C 123 -7.72 3.95 -22.28
CA PRO C 123 -8.95 3.52 -21.61
C PRO C 123 -10.13 3.44 -22.56
N SER C 124 -11.12 2.64 -22.16
CA SER C 124 -12.43 2.61 -22.80
C SER C 124 -13.37 3.47 -21.96
N VAL C 125 -13.86 4.56 -22.56
CA VAL C 125 -14.75 5.48 -21.87
C VAL C 125 -16.19 5.08 -22.15
N PHE C 126 -17.00 5.00 -21.10
CA PHE C 126 -18.40 4.65 -21.24
C PHE C 126 -19.27 5.59 -20.40
N PRO C 127 -20.40 6.04 -20.94
CA PRO C 127 -21.23 6.98 -20.19
C PRO C 127 -22.09 6.29 -19.14
N LEU C 128 -22.12 6.89 -17.95
CA LEU C 128 -23.00 6.46 -16.87
C LEU C 128 -24.23 7.37 -16.91
N ALA C 129 -25.20 6.97 -17.73
CA ALA C 129 -26.32 7.85 -18.06
C ALA C 129 -27.22 8.04 -16.84
N PRO C 130 -27.74 9.26 -16.65
CA PRO C 130 -28.71 9.48 -15.57
C PRO C 130 -30.06 8.86 -15.91
N SER C 131 -30.64 8.14 -14.95
CA SER C 131 -31.89 7.45 -15.17
C SER C 131 -32.71 7.52 -13.88
N SER C 132 -33.79 6.72 -13.84
CA SER C 132 -34.66 6.72 -12.66
C SER C 132 -33.92 6.26 -11.41
N LYS C 133 -33.02 5.29 -11.56
CA LYS C 133 -32.22 4.80 -10.44
C LYS C 133 -30.95 5.62 -10.23
N SER C 134 -30.78 6.73 -10.97
CA SER C 134 -29.69 7.67 -10.79
C SER C 134 -30.19 8.99 -10.21
N THR C 135 -31.32 8.95 -9.52
CA THR C 135 -31.93 10.14 -8.94
C THR C 135 -32.32 9.87 -7.49
N SER C 136 -32.44 10.96 -6.72
CA SER C 136 -32.90 10.90 -5.34
C SER C 136 -34.11 11.81 -5.16
N GLY C 137 -33.88 13.07 -4.83
CA GLY C 137 -34.95 14.05 -4.78
C GLY C 137 -34.93 14.91 -6.02
N GLY C 138 -34.55 16.18 -5.85
CA GLY C 138 -34.27 17.04 -6.98
C GLY C 138 -32.86 16.90 -7.51
N THR C 139 -32.14 15.86 -7.09
CA THR C 139 -30.75 15.65 -7.47
C THR C 139 -30.63 14.45 -8.40
N ALA C 140 -29.90 14.61 -9.49
CA ALA C 140 -29.60 13.52 -10.41
C ALA C 140 -28.09 13.33 -10.49
N ALA C 141 -27.68 12.08 -10.77
CA ALA C 141 -26.27 11.73 -10.80
C ALA C 141 -25.95 11.07 -12.14
N LEU C 142 -24.88 11.55 -12.78
CA LEU C 142 -24.38 10.97 -14.01
C LEU C 142 -22.86 10.94 -13.95
N GLY C 143 -22.25 10.24 -14.89
CA GLY C 143 -20.81 10.14 -14.87
C GLY C 143 -20.27 9.39 -16.07
N CYS C 144 -18.98 9.07 -15.99
CA CYS C 144 -18.26 8.37 -17.04
C CYS C 144 -17.44 7.24 -16.42
N LEU C 145 -17.41 6.10 -17.10
CA LEU C 145 -16.63 4.96 -16.68
C LEU C 145 -15.36 4.87 -17.52
N VAL C 146 -14.20 4.93 -16.87
CA VAL C 146 -12.91 4.91 -17.53
C VAL C 146 -12.26 3.57 -17.20
N LYS C 147 -12.32 2.63 -18.14
CA LYS C 147 -11.99 1.24 -17.89
C LYS C 147 -10.82 0.78 -18.74
N ASP C 148 -10.00 -0.11 -18.16
CA ASP C 148 -8.96 -0.86 -18.85
C ASP C 148 -7.90 0.06 -19.45
N TYR C 149 -7.07 0.61 -18.56
CA TYR C 149 -5.97 1.46 -19.00
C TYR C 149 -4.74 1.23 -18.11
N PHE C 150 -3.58 1.64 -18.65
CA PHE C 150 -2.30 1.53 -17.95
C PHE C 150 -1.27 2.35 -18.71
N PRO C 151 -0.41 3.11 -18.01
CA PRO C 151 -0.45 3.22 -16.56
C PRO C 151 -1.35 4.35 -16.08
N GLU C 152 -0.94 5.02 -15.03
CA GLU C 152 -1.66 6.16 -14.49
C GLU C 152 -0.94 7.45 -14.84
N PRO C 153 -1.63 8.61 -14.79
CA PRO C 153 -3.05 8.80 -14.47
C PRO C 153 -3.92 9.15 -15.67
N VAL C 154 -5.22 9.28 -15.43
CA VAL C 154 -6.15 9.88 -16.38
C VAL C 154 -6.72 11.14 -15.74
N THR C 155 -6.92 12.17 -16.55
CA THR C 155 -7.47 13.45 -16.09
C THR C 155 -8.86 13.61 -16.68
N VAL C 156 -9.89 13.52 -15.83
CA VAL C 156 -11.28 13.60 -16.26
C VAL C 156 -11.84 14.93 -15.77
N SER C 157 -12.22 15.80 -16.71
CA SER C 157 -12.91 17.04 -16.41
C SER C 157 -14.31 16.99 -16.99
N TRP C 158 -15.11 17.99 -16.65
CA TRP C 158 -16.51 18.05 -17.07
C TRP C 158 -16.78 19.41 -17.71
N ASN C 159 -17.25 19.38 -18.97
CA ASN C 159 -17.54 20.58 -19.74
C ASN C 159 -16.30 21.47 -19.88
N SER C 160 -15.18 20.84 -20.22
CA SER C 160 -13.91 21.52 -20.46
C SER C 160 -13.48 22.33 -19.23
N GLY C 161 -13.76 21.81 -18.04
CA GLY C 161 -13.43 22.48 -16.81
C GLY C 161 -14.43 23.51 -16.34
N ALA C 162 -15.55 23.68 -17.05
CA ALA C 162 -16.57 24.64 -16.62
C ALA C 162 -17.38 24.09 -15.44
N LEU C 163 -17.80 22.84 -15.54
CA LEU C 163 -18.56 22.20 -14.47
C LEU C 163 -17.59 21.67 -13.41
N THR C 164 -17.66 22.21 -12.22
CA THR C 164 -16.75 21.85 -11.13
C THR C 164 -17.45 21.42 -9.86
N SER C 165 -18.56 22.07 -9.51
CA SER C 165 -19.29 21.69 -8.30
C SER C 165 -19.94 20.33 -8.47
N GLY C 166 -19.87 19.51 -7.43
CA GLY C 166 -20.47 18.20 -7.43
C GLY C 166 -19.68 17.13 -8.16
N VAL C 167 -18.57 17.48 -8.81
CA VAL C 167 -17.76 16.48 -9.49
C VAL C 167 -17.00 15.65 -8.45
N HIS C 168 -16.94 14.33 -8.68
CA HIS C 168 -16.20 13.42 -7.82
C HIS C 168 -15.51 12.39 -8.72
N THR C 169 -14.20 12.54 -8.88
CA THR C 169 -13.39 11.61 -9.66
C THR C 169 -12.76 10.62 -8.68
N PHE C 170 -13.24 9.38 -8.70
CA PHE C 170 -12.79 8.39 -7.75
C PHE C 170 -11.37 7.93 -8.05
N PRO C 171 -10.61 7.55 -7.02
CA PRO C 171 -9.31 6.93 -7.25
C PRO C 171 -9.45 5.62 -8.00
N ALA C 172 -8.47 5.33 -8.85
CA ALA C 172 -8.52 4.16 -9.71
C ALA C 172 -8.38 2.89 -8.88
N VAL C 173 -8.81 1.78 -9.47
CA VAL C 173 -8.67 0.46 -8.87
C VAL C 173 -7.93 -0.43 -9.86
N LEU C 174 -7.12 -1.34 -9.31
CA LEU C 174 -6.37 -2.30 -10.11
C LEU C 174 -7.15 -3.61 -10.16
N GLN C 175 -7.25 -4.18 -11.36
CA GLN C 175 -8.02 -5.40 -11.57
C GLN C 175 -7.09 -6.60 -11.73
N SER C 176 -7.70 -7.78 -11.78
CA SER C 176 -6.92 -9.01 -11.95
C SER C 176 -6.24 -9.07 -13.32
N SER C 177 -6.66 -8.23 -14.26
CA SER C 177 -6.00 -8.12 -15.55
C SER C 177 -4.76 -7.25 -15.52
N GLY C 178 -4.49 -6.59 -14.40
CA GLY C 178 -3.37 -5.67 -14.32
C GLY C 178 -3.63 -4.32 -14.92
N LEU C 179 -4.89 -3.98 -15.17
CA LEU C 179 -5.28 -2.71 -15.76
C LEU C 179 -6.08 -1.88 -14.77
N TYR C 180 -5.95 -0.56 -14.89
CA TYR C 180 -6.63 0.36 -13.99
C TYR C 180 -8.01 0.71 -14.53
N SER C 181 -8.88 1.19 -13.63
CA SER C 181 -10.25 1.54 -13.98
C SER C 181 -10.80 2.43 -12.87
N LEU C 182 -11.39 3.56 -13.25
CA LEU C 182 -11.99 4.47 -12.29
C LEU C 182 -13.33 4.97 -12.84
N SER C 183 -13.94 5.87 -12.09
CA SER C 183 -15.25 6.41 -12.42
C SER C 183 -15.31 7.84 -11.94
N SER C 184 -15.82 8.73 -12.79
CA SER C 184 -15.97 10.15 -12.47
C SER C 184 -17.44 10.50 -12.51
N VAL C 185 -18.02 10.79 -11.35
CA VAL C 185 -19.44 11.11 -11.24
C VAL C 185 -19.61 12.59 -10.97
N VAL C 186 -20.85 13.06 -11.16
CA VAL C 186 -21.20 14.45 -10.91
C VAL C 186 -22.70 14.51 -10.62
N THR C 187 -23.07 15.37 -9.67
CA THR C 187 -24.47 15.53 -9.26
C THR C 187 -24.94 16.92 -9.64
N VAL C 188 -26.07 16.98 -10.33
CA VAL C 188 -26.65 18.23 -10.79
C VAL C 188 -28.14 18.23 -10.47
N PRO C 189 -28.76 19.40 -10.38
CA PRO C 189 -30.22 19.44 -10.21
C PRO C 189 -30.93 18.77 -11.37
N SER C 190 -31.96 17.98 -11.05
CA SER C 190 -32.69 17.23 -12.05
C SER C 190 -33.24 18.13 -13.15
N SER C 191 -33.67 19.35 -12.79
CA SER C 191 -34.23 20.26 -13.78
C SER C 191 -33.21 20.64 -14.85
N SER C 192 -31.92 20.68 -14.48
CA SER C 192 -30.88 21.04 -15.43
C SER C 192 -30.62 19.99 -16.48
N LEU C 193 -31.17 18.77 -16.32
CA LEU C 193 -30.97 17.74 -17.32
C LEU C 193 -31.67 18.05 -18.63
N GLY C 194 -32.61 19.01 -18.62
CA GLY C 194 -33.29 19.46 -19.82
C GLY C 194 -32.84 20.79 -20.35
N THR C 195 -31.80 21.39 -19.77
CA THR C 195 -31.28 22.67 -20.24
C THR C 195 -29.78 22.70 -20.37
N GLN C 196 -29.05 21.84 -19.67
CA GLN C 196 -27.60 21.87 -19.68
C GLN C 196 -27.04 20.64 -20.37
N THR C 197 -25.93 20.82 -21.09
CA THR C 197 -25.21 19.73 -21.74
C THR C 197 -24.05 19.30 -20.83
N TYR C 198 -23.90 17.99 -20.64
CA TYR C 198 -22.89 17.44 -19.74
C TYR C 198 -21.98 16.51 -20.51
N ILE C 199 -20.70 16.90 -20.65
CA ILE C 199 -19.69 16.16 -21.36
C ILE C 199 -18.51 15.94 -20.43
N CYS C 200 -18.02 14.71 -20.37
CA CYS C 200 -16.82 14.39 -19.59
C CYS C 200 -15.62 14.32 -20.53
N ASN C 201 -14.53 14.92 -20.10
CA ASN C 201 -13.31 15.02 -20.91
C ASN C 201 -12.26 14.12 -20.28
N VAL C 202 -12.10 12.93 -20.83
CA VAL C 202 -11.14 11.94 -20.34
C VAL C 202 -9.87 12.05 -21.16
N ASN C 203 -8.74 12.19 -20.50
CA ASN C 203 -7.44 12.35 -21.16
C ASN C 203 -6.43 11.42 -20.49
N HIS C 204 -5.87 10.51 -21.28
CA HIS C 204 -4.85 9.57 -20.83
C HIS C 204 -3.58 9.85 -21.62
N LYS C 205 -2.66 10.61 -21.02
CA LYS C 205 -1.48 11.06 -21.74
C LYS C 205 -0.53 9.94 -22.18
N PRO C 206 -0.29 8.87 -21.41
CA PRO C 206 0.62 7.83 -21.89
C PRO C 206 0.22 7.20 -23.21
N SER C 207 -1.08 7.18 -23.54
CA SER C 207 -1.55 6.67 -24.81
C SER C 207 -2.12 7.76 -25.71
N ASN C 208 -2.11 9.01 -25.27
CA ASN C 208 -2.58 10.15 -26.04
C ASN C 208 -4.02 9.95 -26.52
N THR C 209 -4.88 9.52 -25.60
CA THR C 209 -6.31 9.39 -25.84
C THR C 209 -7.01 10.57 -25.19
N LYS C 210 -7.60 11.43 -26.01
CA LYS C 210 -8.38 12.57 -25.54
C LYS C 210 -9.81 12.33 -26.01
N VAL C 211 -10.64 11.77 -25.13
CA VAL C 211 -11.99 11.35 -25.45
C VAL C 211 -12.98 12.27 -24.75
N ASP C 212 -13.96 12.77 -25.50
CA ASP C 212 -15.02 13.62 -24.96
C ASP C 212 -16.34 12.90 -25.18
N LYS C 213 -16.96 12.44 -24.10
CA LYS C 213 -18.20 11.67 -24.15
C LYS C 213 -19.34 12.50 -23.57
N LYS C 214 -20.42 12.60 -24.32
CA LYS C 214 -21.60 13.36 -23.91
C LYS C 214 -22.56 12.42 -23.20
N VAL C 215 -22.75 12.65 -21.90
CA VAL C 215 -23.64 11.81 -21.09
C VAL C 215 -25.02 12.44 -21.08
N GLU C 216 -26.00 11.73 -21.62
CA GLU C 216 -27.36 12.21 -21.76
C GLU C 216 -28.34 11.14 -21.33
N PRO C 217 -29.53 11.54 -20.84
CA PRO C 217 -30.58 10.63 -20.37
C PRO C 217 -30.93 9.52 -21.38
N ASP D 1 22.00 13.53 7.90
CA ASP D 1 20.56 13.67 7.65
C ASP D 1 19.83 14.09 8.93
N ILE D 2 19.09 15.19 8.83
CA ILE D 2 18.25 15.65 9.94
C ILE D 2 16.90 14.96 9.80
N VAL D 3 16.54 14.12 10.78
CA VAL D 3 15.28 13.40 10.73
C VAL D 3 14.17 14.29 11.28
N MET D 4 13.01 14.23 10.64
CA MET D 4 11.86 15.06 11.00
C MET D 4 10.73 14.15 11.47
N THR D 5 10.23 14.41 12.68
CA THR D 5 9.22 13.56 13.31
C THR D 5 7.95 14.39 13.52
N GLN D 6 6.90 14.08 12.78
CA GLN D 6 5.59 14.70 12.94
C GLN D 6 4.69 13.77 13.74
N THR D 7 4.01 14.32 14.73
CA THR D 7 3.03 13.53 15.47
C THR D 7 1.65 13.73 14.85
N PRO D 8 0.95 12.66 14.50
CA PRO D 8 -0.30 12.78 13.74
C PRO D 8 -1.48 13.12 14.65
N LEU D 9 -2.64 13.27 14.02
CA LEU D 9 -3.88 13.56 14.73
C LEU D 9 -4.86 12.39 14.56
N PRO D 12 -8.63 14.57 13.85
CA PRO D 12 -10.08 14.67 14.02
C PRO D 12 -10.48 15.98 14.70
N VAL D 13 -10.55 17.06 13.93
CA VAL D 13 -10.85 18.39 14.46
C VAL D 13 -12.19 18.84 13.93
N THR D 14 -13.05 19.34 14.81
CA THR D 14 -14.35 19.84 14.43
C THR D 14 -14.22 21.25 13.86
N LEU D 15 -15.12 21.58 12.92
CA LEU D 15 -15.10 22.89 12.29
C LEU D 15 -15.24 24.00 13.32
N GLY D 16 -14.48 25.08 13.13
CA GLY D 16 -14.48 26.20 14.04
C GLY D 16 -13.53 26.08 15.20
N GLN D 17 -13.03 24.87 15.49
CA GLN D 17 -12.13 24.61 16.60
C GLN D 17 -10.68 24.56 16.11
N PRO D 18 -9.73 24.94 16.96
CA PRO D 18 -8.32 24.99 16.52
C PRO D 18 -7.71 23.60 16.39
N ALA D 19 -6.55 23.55 15.74
CA ALA D 19 -5.78 22.34 15.55
C ALA D 19 -4.30 22.65 15.68
N SER D 20 -3.51 21.64 16.06
CA SER D 20 -2.08 21.81 16.28
C SER D 20 -1.32 20.61 15.78
N ILE D 21 -0.27 20.85 14.98
CA ILE D 21 0.61 19.82 14.46
C ILE D 21 2.02 20.12 14.93
N SER D 22 2.74 19.09 15.35
CA SER D 22 4.10 19.23 15.85
C SER D 22 5.10 18.59 14.91
N CYS D 23 6.34 19.09 14.95
CA CYS D 23 7.41 18.59 14.09
C CYS D 23 8.71 18.70 14.87
N ARG D 24 9.27 17.56 15.27
CA ARG D 24 10.55 17.51 15.94
C ARG D 24 11.67 17.27 14.95
N SER D 25 12.86 17.79 15.27
CA SER D 25 14.03 17.64 14.44
C SER D 25 15.16 17.04 15.24
N SER D 26 15.94 16.14 14.61
CA SER D 26 17.08 15.54 15.29
C SER D 26 18.23 16.50 15.47
N GLN D 27 18.26 17.60 14.71
CA GLN D 27 19.29 18.61 14.83
C GLN D 27 18.64 19.99 14.81
N SER D 28 19.35 20.97 15.37
CA SER D 28 18.81 22.33 15.42
C SER D 28 18.75 22.93 14.03
N LEU D 29 17.58 23.46 13.67
CA LEU D 29 17.38 24.10 12.38
C LEU D 29 17.79 25.56 12.38
N VAL D 30 18.49 26.01 13.42
CA VAL D 30 19.00 27.38 13.48
C VAL D 30 20.31 27.44 12.70
N HIS D 31 20.42 28.42 11.82
CA HIS D 31 21.57 28.56 10.94
C HIS D 31 22.52 29.64 11.46
N SER D 32 23.70 29.70 10.85
CA SER D 32 24.73 30.64 11.28
C SER D 32 24.31 32.09 11.08
N ASN D 33 23.37 32.37 10.17
CA ASN D 33 22.92 33.72 9.91
C ASN D 33 21.70 34.10 10.76
N GLY D 34 21.46 33.40 11.86
CA GLY D 34 20.37 33.75 12.76
C GLY D 34 18.99 33.49 12.21
N ILE D 35 18.84 32.47 11.35
CA ILE D 35 17.56 32.13 10.74
C ILE D 35 17.32 30.64 10.97
N THR D 36 16.11 30.31 11.42
CA THR D 36 15.70 28.92 11.62
C THR D 36 14.91 28.48 10.40
N TYR D 37 15.52 27.65 9.56
CA TYR D 37 14.94 27.25 8.28
C TYR D 37 14.03 26.05 8.48
N LEU D 38 12.80 26.34 8.91
CA LEU D 38 11.74 25.35 9.04
C LEU D 38 10.52 25.85 8.28
N SER D 39 9.96 24.99 7.43
CA SER D 39 8.89 25.38 6.53
C SER D 39 7.74 24.39 6.60
N TRP D 40 6.51 24.90 6.58
CA TRP D 40 5.31 24.09 6.63
C TRP D 40 4.63 24.09 5.26
N LEU D 41 4.38 22.89 4.73
CA LEU D 41 3.78 22.71 3.42
C LEU D 41 2.38 22.13 3.54
N GLN D 42 1.52 22.51 2.59
CA GLN D 42 0.17 21.97 2.50
C GLN D 42 -0.01 21.31 1.15
N GLN D 43 -0.45 20.04 1.15
CA GLN D 43 -0.72 19.30 -0.06
C GLN D 43 -2.16 18.78 0.00
N ARG D 44 -3.04 19.40 -0.77
CA ARG D 44 -4.41 18.90 -0.84
C ARG D 44 -4.47 17.61 -1.65
N PRO D 45 -5.42 16.71 -1.33
CA PRO D 45 -5.50 15.43 -2.04
C PRO D 45 -5.63 15.59 -3.54
N GLY D 46 -4.57 15.27 -4.27
CA GLY D 46 -4.58 15.34 -5.72
C GLY D 46 -3.88 16.53 -6.34
N GLN D 47 -3.14 17.31 -5.55
CA GLN D 47 -2.45 18.50 -6.03
C GLN D 47 -1.03 18.52 -5.51
N PRO D 48 -0.15 19.32 -6.12
CA PRO D 48 1.20 19.48 -5.58
C PRO D 48 1.19 20.31 -4.31
N PRO D 49 2.23 20.22 -3.49
CA PRO D 49 2.26 20.97 -2.24
C PRO D 49 2.45 22.46 -2.47
N ARG D 50 1.85 23.26 -1.60
CA ARG D 50 2.03 24.70 -1.60
C ARG D 50 2.64 25.14 -0.28
N LEU D 51 3.48 26.17 -0.34
CA LEU D 51 4.17 26.67 0.84
C LEU D 51 3.23 27.53 1.68
N LEU D 52 3.12 27.19 2.96
CA LEU D 52 2.29 27.97 3.88
C LEU D 52 3.15 28.90 4.72
N LEU D 53 3.95 28.32 5.61
CA LEU D 53 4.79 29.07 6.53
C LEU D 53 6.26 28.78 6.23
N TYR D 54 7.06 29.84 6.13
CA TYR D 54 8.50 29.73 5.98
C TYR D 54 9.19 30.47 7.11
N GLU D 55 10.35 29.98 7.51
CA GLU D 55 11.08 30.50 8.66
C GLU D 55 10.19 30.54 9.89
N ILE D 56 9.63 29.36 10.21
CA ILE D 56 8.82 29.13 11.40
C ILE D 56 7.46 29.81 11.31
N SER D 57 7.46 31.14 11.15
CA SER D 57 6.25 31.93 11.38
C SER D 57 5.78 32.75 10.19
N ASN D 58 6.62 33.02 9.20
CA ASN D 58 6.24 33.93 8.12
C ASN D 58 5.26 33.26 7.16
N ARG D 59 4.15 33.93 6.89
CA ARG D 59 3.16 33.43 5.95
C ARG D 59 3.53 33.80 4.52
N PHE D 60 3.28 32.87 3.60
CA PHE D 60 3.58 33.08 2.19
C PHE D 60 2.42 33.80 1.51
N SER D 61 2.45 33.91 0.19
CA SER D 61 1.41 34.61 -0.54
C SER D 61 0.08 33.88 -0.42
N GLY D 62 -0.99 34.62 -0.13
CA GLY D 62 -2.32 34.05 -0.08
C GLY D 62 -2.58 33.11 1.08
N VAL D 63 -1.64 32.97 2.00
CA VAL D 63 -1.84 32.12 3.18
C VAL D 63 -2.75 32.85 4.15
N PRO D 64 -3.91 32.29 4.50
CA PRO D 64 -4.82 32.98 5.43
C PRO D 64 -4.17 33.19 6.79
N ASP D 65 -4.67 34.20 7.50
CA ASP D 65 -4.11 34.58 8.79
C ASP D 65 -4.42 33.58 9.89
N ARG D 66 -5.39 32.67 9.68
CA ARG D 66 -5.66 31.66 10.68
C ARG D 66 -4.48 30.70 10.86
N PHE D 67 -3.66 30.55 9.83
CA PHE D 67 -2.47 29.73 9.93
C PHE D 67 -1.38 30.49 10.69
N SER D 68 -0.85 29.86 11.73
CA SER D 68 0.20 30.45 12.56
C SER D 68 1.33 29.45 12.74
N GLY D 69 2.51 29.97 13.03
CA GLY D 69 3.67 29.13 13.23
C GLY D 69 4.52 29.54 14.41
N SER D 70 4.84 28.58 15.27
CA SER D 70 5.78 28.78 16.36
C SER D 70 6.83 27.68 16.31
N GLY D 71 7.91 27.87 17.07
CA GLY D 71 9.00 26.91 17.06
C GLY D 71 10.18 27.35 17.89
N THR D 72 10.98 26.39 18.38
CA THR D 72 12.08 26.66 19.32
C THR D 72 13.25 25.72 19.03
N GLY D 73 13.97 25.98 17.94
CA GLY D 73 15.20 25.25 17.67
C GLY D 73 15.01 23.86 17.10
N THR D 74 14.39 22.96 17.87
CA THR D 74 14.12 21.60 17.40
C THR D 74 12.67 21.18 17.54
N ASP D 75 11.82 21.97 18.21
CA ASP D 75 10.40 21.67 18.33
C ASP D 75 9.60 22.80 17.70
N PHE D 76 8.77 22.46 16.71
CA PHE D 76 8.00 23.44 15.97
C PHE D 76 6.53 23.05 15.95
N THR D 77 5.67 24.03 15.67
CA THR D 77 4.24 23.80 15.74
C THR D 77 3.52 24.67 14.70
N LEU D 78 2.64 24.04 13.94
CA LEU D 78 1.72 24.72 13.04
C LEU D 78 0.34 24.77 13.70
N LYS D 79 -0.22 25.97 13.80
CA LYS D 79 -1.50 26.19 14.48
C LYS D 79 -2.49 26.82 13.52
N ILE D 80 -3.72 26.28 13.52
CA ILE D 80 -4.83 26.83 12.76
C ILE D 80 -5.90 27.25 13.76
N SER D 81 -6.11 28.56 13.90
CA SER D 81 -7.04 29.05 14.91
C SER D 81 -8.47 28.59 14.62
N ARG D 82 -8.91 28.70 13.37
CA ARG D 82 -10.26 28.31 12.96
C ARG D 82 -10.13 27.40 11.74
N VAL D 83 -10.13 26.08 11.97
CA VAL D 83 -10.02 25.14 10.86
C VAL D 83 -11.29 25.23 10.01
N GLU D 84 -11.13 25.08 8.70
CA GLU D 84 -12.26 25.20 7.79
C GLU D 84 -12.32 23.99 6.86
N ALA D 85 -13.18 24.06 5.85
CA ALA D 85 -13.39 22.90 4.99
C ALA D 85 -12.19 22.65 4.08
N GLU D 86 -11.62 23.71 3.51
CA GLU D 86 -10.53 23.55 2.56
C GLU D 86 -9.22 23.14 3.21
N ASP D 87 -9.14 23.13 4.55
CA ASP D 87 -7.93 22.73 5.26
C ASP D 87 -7.72 21.22 5.28
N VAL D 88 -8.55 20.45 4.58
CA VAL D 88 -8.34 19.01 4.50
C VAL D 88 -7.14 18.72 3.62
N GLY D 89 -6.28 17.83 4.09
CA GLY D 89 -5.09 17.45 3.35
C GLY D 89 -4.01 16.97 4.30
N VAL D 90 -2.80 16.87 3.76
CA VAL D 90 -1.63 16.45 4.53
C VAL D 90 -0.67 17.63 4.62
N TYR D 91 -0.13 17.85 5.81
CA TYR D 91 0.77 18.96 6.09
C TYR D 91 2.15 18.41 6.42
N TYR D 92 3.16 18.84 5.66
CA TYR D 92 4.54 18.41 5.85
C TYR D 92 5.37 19.56 6.40
N CYS D 93 6.36 19.23 7.23
CA CYS D 93 7.38 20.17 7.64
C CYS D 93 8.66 19.87 6.89
N MET D 94 9.35 20.93 6.43
CA MET D 94 10.54 20.80 5.61
C MET D 94 11.67 21.61 6.23
N GLN D 95 12.80 20.95 6.49
CA GLN D 95 14.00 21.67 6.89
C GLN D 95 14.79 22.03 5.65
N THR D 96 15.49 23.16 5.72
CA THR D 96 16.27 23.63 4.59
C THR D 96 17.49 24.40 5.07
N THR D 97 18.17 23.87 6.08
CA THR D 97 19.41 24.43 6.58
C THR D 97 20.64 23.59 6.24
N GLN D 98 20.47 22.30 5.99
CA GLN D 98 21.55 21.44 5.52
C GLN D 98 21.04 20.62 4.34
N PHE D 99 21.96 20.28 3.44
CA PHE D 99 21.53 19.95 2.09
C PHE D 99 20.85 18.60 1.90
N PRO D 100 21.11 17.58 2.73
CA PRO D 100 20.16 16.45 2.74
C PRO D 100 18.80 16.93 3.20
N ILE D 101 18.08 17.59 2.29
CA ILE D 101 16.79 18.21 2.64
C ILE D 101 15.79 17.11 2.96
N THR D 102 15.21 17.17 4.16
CA THR D 102 14.34 16.13 4.66
C THR D 102 12.98 16.71 5.03
N PHE D 103 11.98 15.84 5.00
CA PHE D 103 10.59 16.17 5.31
C PHE D 103 10.12 15.33 6.47
N GLY D 104 9.04 15.80 7.11
CA GLY D 104 8.35 14.95 8.06
C GLY D 104 7.49 13.91 7.37
N GLN D 105 7.09 12.89 8.15
CA GLN D 105 6.30 11.82 7.58
C GLN D 105 4.88 12.25 7.21
N GLY D 106 4.50 13.49 7.49
CA GLY D 106 3.20 14.00 7.13
C GLY D 106 2.17 13.82 8.23
N THR D 107 1.13 14.65 8.17
CA THR D 107 0.03 14.58 9.13
C THR D 107 -1.24 15.00 8.41
N ARG D 108 -2.12 14.04 8.14
CA ARG D 108 -3.38 14.33 7.48
C ARG D 108 -4.37 14.90 8.50
N LEU D 109 -5.07 15.96 8.09
CA LEU D 109 -6.09 16.60 8.91
C LEU D 109 -7.46 16.13 8.44
N GLU D 110 -8.17 15.41 9.30
CA GLU D 110 -9.52 14.94 9.01
C GLU D 110 -10.52 15.77 9.79
N ILE D 111 -11.53 16.28 9.10
CA ILE D 111 -12.54 17.14 9.72
C ILE D 111 -13.69 16.29 10.20
N LYS D 112 -14.17 16.58 11.41
CA LYS D 112 -15.32 15.90 11.99
C LYS D 112 -16.58 16.70 11.72
N ARG D 113 -17.62 16.03 11.22
CA ARG D 113 -18.91 16.66 10.94
C ARG D 113 -20.02 15.75 11.44
N THR D 114 -21.25 16.21 11.27
CA THR D 114 -22.41 15.40 11.65
C THR D 114 -22.58 14.22 10.70
N VAL D 115 -23.29 13.20 11.18
CA VAL D 115 -23.51 12.01 10.38
C VAL D 115 -24.44 12.34 9.23
N ALA D 116 -24.07 11.90 8.02
CA ALA D 116 -24.85 12.14 6.82
C ALA D 116 -25.07 10.82 6.10
N ALA D 117 -26.33 10.48 5.84
CA ALA D 117 -26.64 9.24 5.16
C ALA D 117 -26.19 9.31 3.70
N PRO D 118 -25.73 8.19 3.14
CA PRO D 118 -25.27 8.20 1.75
C PRO D 118 -26.42 8.20 0.76
N SER D 119 -26.27 9.01 -0.29
CA SER D 119 -27.20 8.96 -1.42
C SER D 119 -26.76 7.84 -2.36
N VAL D 120 -27.66 6.92 -2.63
CA VAL D 120 -27.35 5.72 -3.41
C VAL D 120 -27.87 5.88 -4.83
N PHE D 121 -27.05 5.48 -5.80
CA PHE D 121 -27.42 5.46 -7.21
C PHE D 121 -26.78 4.24 -7.86
N ILE D 122 -27.49 3.62 -8.79
CA ILE D 122 -26.98 2.46 -9.52
C ILE D 122 -27.07 2.74 -11.01
N PHE D 123 -26.02 2.33 -11.74
CA PHE D 123 -25.92 2.58 -13.17
C PHE D 123 -25.84 1.26 -13.92
N PRO D 124 -26.85 0.89 -14.70
CA PRO D 124 -26.76 -0.32 -15.52
C PRO D 124 -25.70 -0.17 -16.59
N PRO D 125 -25.17 -1.27 -17.11
CA PRO D 125 -24.12 -1.17 -18.13
C PRO D 125 -24.63 -0.46 -19.39
N SER D 126 -23.74 0.31 -19.99
CA SER D 126 -24.07 1.04 -21.22
C SER D 126 -24.07 0.09 -22.41
N ASP D 127 -24.88 0.42 -23.42
CA ASP D 127 -24.96 -0.40 -24.61
C ASP D 127 -23.66 -0.40 -25.39
N GLU D 128 -22.82 0.63 -25.23
CA GLU D 128 -21.52 0.65 -25.90
C GLU D 128 -20.57 -0.38 -25.29
N GLN D 129 -20.70 -0.64 -23.99
CA GLN D 129 -19.80 -1.59 -23.34
C GLN D 129 -20.20 -3.03 -23.61
N LEU D 130 -21.51 -3.31 -23.69
CA LEU D 130 -21.96 -4.66 -23.98
C LEU D 130 -21.46 -5.13 -25.34
N LYS D 131 -21.40 -4.21 -26.31
CA LYS D 131 -20.84 -4.55 -27.61
C LYS D 131 -19.36 -4.89 -27.52
N SER D 132 -18.66 -4.37 -26.51
CA SER D 132 -17.24 -4.64 -26.37
C SER D 132 -16.97 -6.04 -25.82
N GLY D 133 -17.88 -6.58 -25.03
CA GLY D 133 -17.71 -7.93 -24.53
C GLY D 133 -17.97 -8.12 -23.05
N THR D 134 -17.87 -7.05 -22.27
CA THR D 134 -18.04 -7.11 -20.83
C THR D 134 -19.15 -6.17 -20.39
N ALA D 135 -19.54 -6.30 -19.11
CA ALA D 135 -20.59 -5.49 -18.52
C ALA D 135 -20.17 -5.07 -17.12
N SER D 136 -20.14 -3.77 -16.87
CA SER D 136 -19.76 -3.21 -15.57
C SER D 136 -20.93 -2.44 -14.99
N VAL D 137 -21.32 -2.79 -13.77
CA VAL D 137 -22.43 -2.16 -13.06
C VAL D 137 -21.86 -1.32 -11.92
N VAL D 138 -22.23 -0.05 -11.88
CA VAL D 138 -21.67 0.91 -10.93
C VAL D 138 -22.72 1.26 -9.88
N CYS D 139 -22.29 1.35 -8.63
CA CYS D 139 -23.14 1.72 -7.50
C CYS D 139 -22.49 2.91 -6.81
N LEU D 140 -23.18 4.05 -6.80
CA LEU D 140 -22.61 5.30 -6.30
C LEU D 140 -23.15 5.63 -4.91
N LEU D 141 -22.22 5.86 -3.98
CA LEU D 141 -22.53 6.32 -2.63
C LEU D 141 -21.96 7.72 -2.49
N ASN D 142 -22.80 8.74 -2.58
CA ASN D 142 -22.36 10.12 -2.70
C ASN D 142 -22.59 10.87 -1.40
N ASN D 143 -21.55 11.56 -0.93
CA ASN D 143 -21.62 12.48 0.21
C ASN D 143 -22.16 11.82 1.47
N PHE D 144 -21.30 11.11 2.19
CA PHE D 144 -21.68 10.47 3.43
C PHE D 144 -20.58 10.64 4.46
N TYR D 145 -20.94 10.44 5.73
CA TYR D 145 -20.02 10.52 6.85
C TYR D 145 -20.57 9.60 7.94
N PRO D 146 -19.72 8.78 8.57
CA PRO D 146 -18.27 8.66 8.36
C PRO D 146 -17.88 7.85 7.13
N ARG D 147 -16.60 7.44 7.09
CA ARG D 147 -16.06 6.73 5.94
C ARG D 147 -16.42 5.25 5.91
N GLU D 148 -17.00 4.72 6.98
CA GLU D 148 -17.27 3.28 7.10
C GLU D 148 -18.64 2.99 6.49
N ALA D 149 -18.63 2.62 5.20
CA ALA D 149 -19.81 2.17 4.49
C ALA D 149 -19.58 0.77 3.96
N LYS D 150 -20.67 0.07 3.66
CA LYS D 150 -20.61 -1.30 3.18
C LYS D 150 -21.55 -1.45 1.99
N VAL D 151 -21.02 -2.00 0.90
CA VAL D 151 -21.79 -2.27 -0.32
C VAL D 151 -21.74 -3.76 -0.59
N GLN D 152 -22.90 -4.34 -0.92
CA GLN D 152 -22.99 -5.75 -1.26
C GLN D 152 -23.89 -5.93 -2.47
N TRP D 153 -23.47 -6.77 -3.39
CA TRP D 153 -24.19 -7.01 -4.64
C TRP D 153 -25.02 -8.28 -4.54
N LYS D 154 -26.23 -8.23 -5.07
CA LYS D 154 -27.12 -9.38 -5.12
C LYS D 154 -27.66 -9.51 -6.54
N VAL D 155 -27.33 -10.61 -7.20
CA VAL D 155 -27.79 -10.90 -8.55
C VAL D 155 -28.80 -12.04 -8.47
N ASP D 156 -30.08 -11.71 -8.67
CA ASP D 156 -31.17 -12.68 -8.59
C ASP D 156 -31.24 -13.35 -7.22
N ASN D 157 -31.05 -12.56 -6.17
CA ASN D 157 -31.05 -13.04 -4.79
C ASN D 157 -30.03 -14.17 -4.60
N ALA D 158 -28.76 -13.80 -4.78
CA ALA D 158 -27.68 -14.76 -4.63
C ALA D 158 -26.47 -14.23 -3.87
N LEU D 159 -26.39 -12.93 -3.62
CA LEU D 159 -25.22 -12.31 -2.97
C LEU D 159 -23.94 -12.66 -3.74
N GLN D 160 -23.89 -12.19 -4.99
CA GLN D 160 -22.73 -12.42 -5.84
C GLN D 160 -21.52 -11.67 -5.25
N SER D 161 -20.58 -12.43 -4.71
CA SER D 161 -19.40 -11.87 -4.07
C SER D 161 -18.15 -12.58 -4.59
N GLY D 162 -17.11 -11.79 -4.87
CA GLY D 162 -15.91 -12.32 -5.47
C GLY D 162 -15.63 -11.69 -6.82
N ASN D 163 -16.36 -10.61 -7.12
CA ASN D 163 -16.22 -9.92 -8.40
C ASN D 163 -16.63 -8.46 -8.25
N SER D 164 -16.22 -7.83 -7.16
CA SER D 164 -16.55 -6.46 -6.85
C SER D 164 -15.28 -5.68 -6.51
N GLN D 165 -15.23 -4.43 -6.97
CA GLN D 165 -14.11 -3.53 -6.71
C GLN D 165 -14.65 -2.18 -6.29
N GLU D 166 -14.11 -1.64 -5.20
CA GLU D 166 -14.59 -0.38 -4.64
C GLU D 166 -13.48 0.65 -4.65
N SER D 167 -13.88 1.91 -4.45
CA SER D 167 -12.93 3.02 -4.39
C SER D 167 -13.59 4.17 -3.65
N VAL D 168 -12.88 4.73 -2.66
CA VAL D 168 -13.39 5.82 -1.86
C VAL D 168 -12.56 7.06 -2.14
N THR D 169 -13.20 8.22 -2.10
CA THR D 169 -12.51 9.48 -2.26
C THR D 169 -12.03 10.01 -0.92
N GLU D 170 -11.10 10.97 -0.97
CA GLU D 170 -10.70 11.66 0.23
C GLU D 170 -11.80 12.63 0.67
N GLN D 171 -11.63 13.19 1.86
CA GLN D 171 -12.64 14.07 2.43
C GLN D 171 -12.79 15.32 1.59
N ASP D 172 -14.03 15.77 1.41
CA ASP D 172 -14.31 16.88 0.51
C ASP D 172 -13.88 18.21 1.13
N SER D 173 -13.46 19.13 0.26
CA SER D 173 -13.05 20.48 0.67
C SER D 173 -14.23 21.43 0.84
N LYS D 174 -15.46 20.93 0.74
CA LYS D 174 -16.64 21.75 0.93
C LYS D 174 -17.57 21.11 1.96
N ASP D 175 -18.05 19.90 1.66
CA ASP D 175 -18.98 19.20 2.52
C ASP D 175 -18.31 18.42 3.64
N SER D 176 -16.98 18.23 3.57
CA SER D 176 -16.26 17.37 4.50
C SER D 176 -16.85 15.96 4.52
N THR D 177 -17.27 15.49 3.36
CA THR D 177 -17.88 14.18 3.20
C THR D 177 -17.01 13.29 2.34
N TYR D 178 -17.41 12.02 2.25
CA TYR D 178 -16.74 11.02 1.44
C TYR D 178 -17.70 10.51 0.37
N SER D 179 -17.13 9.83 -0.62
CA SER D 179 -17.92 9.22 -1.69
C SER D 179 -17.30 7.88 -2.06
N LEU D 180 -18.17 6.89 -2.26
CA LEU D 180 -17.74 5.53 -2.56
C LEU D 180 -18.44 5.04 -3.82
N SER D 181 -17.70 4.31 -4.66
CA SER D 181 -18.25 3.72 -5.87
C SER D 181 -17.80 2.27 -5.96
N SER D 182 -18.75 1.38 -6.24
CA SER D 182 -18.47 -0.04 -6.40
C SER D 182 -18.80 -0.46 -7.83
N THR D 183 -17.94 -1.26 -8.42
CA THR D 183 -18.10 -1.71 -9.80
C THR D 183 -18.17 -3.23 -9.85
N LEU D 184 -19.32 -3.75 -10.26
CA LEU D 184 -19.51 -5.18 -10.47
C LEU D 184 -19.17 -5.50 -11.91
N THR D 185 -18.09 -6.27 -12.12
CA THR D 185 -17.64 -6.63 -13.46
C THR D 185 -18.11 -8.04 -13.79
N LEU D 186 -18.86 -8.17 -14.88
CA LEU D 186 -19.34 -9.45 -15.36
C LEU D 186 -19.17 -9.52 -16.87
N SER D 187 -19.05 -10.74 -17.39
CA SER D 187 -19.06 -10.90 -18.83
C SER D 187 -20.45 -10.64 -19.39
N LYS D 188 -20.52 -10.35 -20.68
CA LYS D 188 -21.81 -10.07 -21.30
C LYS D 188 -22.71 -11.30 -21.27
N ALA D 189 -22.12 -12.49 -21.41
CA ALA D 189 -22.91 -13.71 -21.33
C ALA D 189 -23.50 -13.89 -19.95
N ASP D 190 -22.67 -13.78 -18.90
CA ASP D 190 -23.17 -13.89 -17.54
C ASP D 190 -24.15 -12.78 -17.20
N TYR D 191 -23.97 -11.60 -17.79
CA TYR D 191 -24.86 -10.48 -17.48
C TYR D 191 -26.27 -10.73 -18.00
N GLU D 192 -26.40 -11.23 -19.23
CA GLU D 192 -27.70 -11.41 -19.85
C GLU D 192 -28.32 -12.78 -19.54
N LYS D 193 -27.87 -13.44 -18.48
CA LYS D 193 -28.54 -14.63 -17.96
C LYS D 193 -29.48 -14.32 -16.80
N HIS D 194 -29.24 -13.22 -16.09
CA HIS D 194 -30.01 -12.84 -14.92
C HIS D 194 -30.71 -11.51 -15.19
N LYS D 195 -31.59 -11.11 -14.27
CA LYS D 195 -32.41 -9.93 -14.48
C LYS D 195 -32.30 -8.92 -13.34
N VAL D 196 -32.39 -9.38 -12.09
CA VAL D 196 -32.42 -8.50 -10.94
C VAL D 196 -30.98 -8.22 -10.51
N TYR D 197 -30.54 -6.98 -10.70
CA TYR D 197 -29.21 -6.53 -10.27
C TYR D 197 -29.39 -5.42 -9.24
N ALA D 198 -28.80 -5.62 -8.07
CA ALA D 198 -28.98 -4.69 -6.97
C ALA D 198 -27.69 -4.56 -6.16
N CYS D 199 -27.50 -3.37 -5.59
CA CYS D 199 -26.45 -3.13 -4.60
C CYS D 199 -27.10 -2.62 -3.33
N GLU D 200 -26.70 -3.17 -2.19
CA GLU D 200 -27.28 -2.84 -0.89
C GLU D 200 -26.26 -2.09 -0.05
N VAL D 201 -26.68 -0.97 0.53
CA VAL D 201 -25.79 -0.06 1.25
C VAL D 201 -26.10 -0.15 2.74
N THR D 202 -25.04 -0.23 3.55
CA THR D 202 -25.15 -0.20 5.01
C THR D 202 -24.36 0.98 5.53
N HIS D 203 -25.01 1.85 6.30
CA HIS D 203 -24.35 3.02 6.86
C HIS D 203 -25.03 3.40 8.16
N GLN D 204 -24.27 4.12 9.00
CA GLN D 204 -24.78 4.51 10.32
C GLN D 204 -26.01 5.40 10.21
N GLY D 205 -26.09 6.23 9.18
CA GLY D 205 -27.21 7.13 8.98
C GLY D 205 -28.41 6.54 8.28
N LEU D 206 -28.44 5.23 8.06
CA LEU D 206 -29.52 4.57 7.35
C LEU D 206 -30.35 3.76 8.35
N SER D 207 -31.66 3.98 8.35
CA SER D 207 -32.55 3.19 9.21
C SER D 207 -32.43 1.70 8.91
N SER D 208 -32.72 1.32 7.68
CA SER D 208 -32.49 -0.03 7.18
C SER D 208 -31.67 0.05 5.92
N PRO D 209 -30.91 -1.01 5.59
CA PRO D 209 -30.04 -0.97 4.40
C PRO D 209 -30.77 -0.61 3.11
N VAL D 210 -30.47 0.57 2.58
CA VAL D 210 -31.06 1.02 1.33
C VAL D 210 -30.58 0.13 0.19
N THR D 211 -31.48 -0.18 -0.74
CA THR D 211 -31.18 -1.05 -1.86
C THR D 211 -31.68 -0.41 -3.16
N LYS D 212 -30.77 -0.15 -4.08
CA LYS D 212 -31.11 0.30 -5.42
C LYS D 212 -30.92 -0.85 -6.40
N SER D 213 -31.92 -1.08 -7.25
CA SER D 213 -31.91 -2.21 -8.17
C SER D 213 -32.41 -1.77 -9.54
N PHE D 214 -32.18 -2.64 -10.52
CA PHE D 214 -32.71 -2.44 -11.86
C PHE D 214 -32.87 -3.80 -12.52
N ASN D 215 -33.70 -3.83 -13.57
CA ASN D 215 -33.88 -5.02 -14.40
C ASN D 215 -33.14 -4.82 -15.72
N ARG D 216 -32.72 -5.94 -16.31
CA ARG D 216 -31.94 -5.87 -17.55
C ARG D 216 -32.71 -5.17 -18.66
N GLY D 217 -34.03 -5.30 -18.68
CA GLY D 217 -34.84 -4.61 -19.67
C GLY D 217 -35.09 -3.15 -19.33
N ASN E 5 30.37 -12.88 -21.07
CA ASN E 5 29.27 -13.44 -20.30
C ASN E 5 29.79 -14.29 -19.15
N ALA E 6 29.01 -14.35 -18.06
CA ALA E 6 29.33 -15.18 -16.92
C ALA E 6 28.12 -16.04 -16.56
N ASN E 7 28.39 -17.20 -15.97
CA ASN E 7 27.32 -18.11 -15.56
C ASN E 7 27.04 -17.90 -14.08
N PRO E 8 25.94 -17.24 -13.71
CA PRO E 8 25.67 -17.02 -12.28
C PRO E 8 25.48 -18.29 -11.48
N ASN E 9 25.30 -19.44 -12.14
CA ASN E 9 25.10 -20.70 -11.43
C ASN E 9 26.39 -21.47 -11.22
N VAL E 10 27.45 -21.15 -11.97
CA VAL E 10 28.71 -21.89 -11.93
C VAL E 10 29.85 -21.02 -11.40
N ASP E 11 29.96 -19.79 -11.92
CA ASP E 11 31.09 -18.94 -11.57
C ASP E 11 31.14 -18.57 -10.09
N PRO E 12 30.05 -18.15 -9.43
CA PRO E 12 30.17 -17.80 -8.00
C PRO E 12 30.45 -18.98 -7.09
N ASN E 13 30.26 -20.21 -7.56
CA ASN E 13 30.55 -21.39 -6.76
C ASN E 13 32.01 -21.80 -6.92
N ALA E 14 32.45 -22.68 -6.04
CA ALA E 14 33.84 -23.15 -6.07
C ALA E 14 34.10 -23.95 -7.34
N ASN E 15 35.24 -23.69 -7.95
CA ASN E 15 35.61 -24.39 -9.17
C ASN E 15 35.76 -25.88 -8.90
N PRO E 16 35.19 -26.76 -9.74
CA PRO E 16 35.30 -28.21 -9.57
C PRO E 16 36.74 -28.70 -9.64
N ASP F 3 27.65 19.25 -0.16
CA ASP F 3 28.25 20.39 0.54
C ASP F 3 27.51 20.69 1.83
N PRO F 4 28.00 20.13 2.94
CA PRO F 4 27.31 20.33 4.23
C PRO F 4 27.41 21.76 4.76
N ASN F 5 28.38 22.55 4.30
CA ASN F 5 28.55 23.92 4.76
C ASN F 5 27.90 24.92 3.81
N ALA F 6 26.72 24.59 3.28
CA ALA F 6 26.02 25.45 2.34
C ALA F 6 24.64 25.79 2.85
N ASN F 7 24.14 26.96 2.47
CA ASN F 7 22.80 27.37 2.80
C ASN F 7 21.88 27.02 1.65
N PRO F 8 21.03 26.00 1.78
CA PRO F 8 20.20 25.58 0.64
C PRO F 8 19.16 26.61 0.19
N ASN F 9 19.10 27.79 0.83
CA ASN F 9 18.15 28.81 0.45
C ASN F 9 18.79 30.07 -0.10
N VAL F 10 20.12 30.20 -0.03
CA VAL F 10 20.80 31.40 -0.48
C VAL F 10 21.94 31.03 -1.42
N ASP F 11 22.69 29.99 -1.06
CA ASP F 11 23.91 29.67 -1.82
C ASP F 11 23.62 29.16 -3.23
N PRO F 12 22.69 28.23 -3.47
CA PRO F 12 22.48 27.75 -4.85
C PRO F 12 21.96 28.80 -5.81
N ASN F 13 21.69 30.01 -5.36
CA ASN F 13 21.25 31.10 -6.22
C ASN F 13 22.41 32.03 -6.52
N ALA F 14 22.15 33.05 -7.35
CA ALA F 14 23.14 34.05 -7.69
C ALA F 14 22.93 35.36 -6.95
N ASN F 15 21.69 35.81 -6.82
CA ASN F 15 21.37 37.07 -6.15
C ASN F 15 20.27 36.83 -5.13
N PRO F 16 20.42 37.31 -3.89
CA PRO F 16 19.39 37.16 -2.85
C PRO F 16 18.17 38.02 -3.12
#